data_2OYM
#
_entry.id   2OYM
#
_cell.length_a   53.786
_cell.length_b   93.282
_cell.length_c   94.471
_cell.angle_alpha   90.000
_cell.angle_beta   98.300
_cell.angle_gamma   90.000
#
_symmetry.space_group_name_H-M   'P 1 21 1'
#
loop_
_entity.id
_entity.type
_entity.pdbx_description
1 polymer 'Endoglycoceramidase II'
2 non-polymer 'SODIUM ION'
3 non-polymer N-{[(2R,3R,4R,5R)-3,4-DIHYDROXY-5-(HYDROXYMETHYL)PYRROLIDIN-2-YL]METHYL}-4-(DIMETHYLAMINO)BENZAMIDE
4 water water
#
_entity_poly.entity_id   1
_entity_poly.type   'polypeptide(L)'
_entity_poly.pdbx_seq_one_letter_code
;MGSSHHHHHHSSGLVPRGSHMSGSGSGSGTALTPSYLKDDDGRSLILRGFNTASSAKSAPDGMPQFTEADLAREYADMGT
NFVRFLISWRSVEPAPGVYDQQYLDRVEDRVGWYAERGYKVMLDMHQDVYSGAITPEGNSGNGAGAIGNGAPAWATYMDG
LPVEPQPRWELYYIQPGVMRAFDNFWNTTGKHPELVEHYAKAWRAVADRFADNDAVVAYDLMNEPFGGSLQGPAFEAGPL
AAMYQRTTDAIRQVDQDTWVCVAPQAIGVNQGLPSGLTKIDDPRAGQQRIAYCPHLYPLPLDIGDGHEGLARTLTDVTID
AWRANTAHTARVLGDVPIILGEFGLDTTLPGARDYIERVYGTAREMGAGVSYWSSDPGPWGPYLPDGTQTLLVDTLNKPY
PRAVAGTPTEWSSTSDRLQLTIEPDAAITAPTEIYLPEAGFPGDVHVEGADVVGWDRQSRLLTVRTPADSGNVTVTVTPA
A
;
_entity_poly.pdbx_strand_id   A,B
#
loop_
_chem_comp.id
_chem_comp.type
_chem_comp.name
_chem_comp.formula
MNI non-polymer N-{[(2R,3R,4R,5R)-3,4-DIHYDROXY-5-(HYDROXYMETHYL)PYRROLIDIN-2-YL]METHYL}-4-(DIMETHYLAMINO)BENZAMIDE 'C15 H23 N3 O4'
NA non-polymer 'SODIUM ION' 'Na 1'
#
# COMPACT_ATOMS: atom_id res chain seq x y z
N PRO A 34 28.35 -15.29 -3.00
CA PRO A 34 27.50 -14.73 -1.94
C PRO A 34 26.01 -15.04 -2.08
N SER A 35 25.33 -15.11 -0.93
CA SER A 35 23.88 -15.31 -0.85
C SER A 35 23.18 -13.98 -0.57
N TYR A 36 21.94 -13.85 -1.00
CA TYR A 36 21.17 -12.60 -0.87
C TYR A 36 19.79 -12.83 -0.26
N LEU A 37 19.31 -11.84 0.48
CA LEU A 37 17.89 -11.76 0.81
C LEU A 37 17.16 -11.50 -0.51
N LYS A 38 15.89 -11.89 -0.56
CA LYS A 38 15.08 -11.74 -1.77
C LYS A 38 13.77 -11.04 -1.42
N ASP A 39 13.24 -10.27 -2.36
CA ASP A 39 11.89 -9.72 -2.22
C ASP A 39 10.85 -10.78 -2.62
N ASP A 40 9.57 -10.40 -2.59
CA ASP A 40 8.49 -11.32 -2.95
C ASP A 40 8.46 -11.70 -4.43
N ASP A 41 9.19 -10.96 -5.26
CA ASP A 41 9.34 -11.31 -6.66
C ASP A 41 10.54 -12.21 -6.94
N GLY A 42 11.29 -12.57 -5.90
CA GLY A 42 12.47 -13.44 -6.03
C GLY A 42 13.74 -12.71 -6.43
N ARG A 43 13.67 -11.38 -6.50
CA ARG A 43 14.84 -10.58 -6.85
C ARG A 43 15.82 -10.49 -5.67
N SER A 44 17.11 -10.49 -6.00
CA SER A 44 18.16 -10.44 -5.00
C SER A 44 18.40 -8.98 -4.59
N LEU A 45 18.36 -8.73 -3.29
CA LEU A 45 18.39 -7.37 -2.74
C LEU A 45 19.80 -6.91 -2.40
N ILE A 46 20.18 -5.74 -2.90
CA ILE A 46 21.41 -5.07 -2.49
C ILE A 46 20.96 -3.89 -1.62
N LEU A 47 21.29 -3.96 -0.34
CA LEU A 47 20.68 -3.08 0.66
C LEU A 47 21.65 -1.99 1.13
N ARG A 48 21.21 -0.75 1.02
CA ARG A 48 22.00 0.45 1.31
C ARG A 48 21.20 1.47 2.12
N GLY A 49 21.66 1.74 3.34
CA GLY A 49 21.01 2.75 4.14
C GLY A 49 21.69 3.07 5.45
N PHE A 50 20.87 3.43 6.43
CA PHE A 50 21.34 3.93 7.72
C PHE A 50 20.71 3.20 8.88
N ASN A 51 21.39 3.27 10.03
CA ASN A 51 20.77 3.04 11.31
C ASN A 51 20.00 4.29 11.70
N THR A 52 18.71 4.14 11.96
CA THR A 52 17.86 5.24 12.36
C THR A 52 17.06 4.81 13.58
N ALA A 53 17.35 5.35 14.77
CA ALA A 53 18.42 6.33 15.01
C ALA A 53 18.82 6.19 16.47
N SER A 54 20.04 6.61 16.78
CA SER A 54 20.54 6.62 18.15
C SER A 54 19.58 7.37 19.09
N SER A 55 19.00 8.45 18.58
CA SER A 55 18.09 9.30 19.35
C SER A 55 16.88 8.57 19.93
N ALA A 56 16.53 7.41 19.35
CA ALA A 56 15.47 6.56 19.88
C ALA A 56 15.84 5.91 21.22
N LYS A 57 17.13 5.63 21.41
CA LYS A 57 17.63 4.88 22.57
C LYS A 57 17.02 5.29 23.91
N SER A 58 16.87 6.60 24.12
CA SER A 58 16.42 7.17 25.39
CA SER A 58 16.38 7.11 25.40
C SER A 58 15.16 8.01 25.26
N ALA A 59 14.55 8.04 24.07
CA ALA A 59 13.31 8.78 23.86
C ALA A 59 12.21 8.15 24.73
N PRO A 60 11.55 8.95 25.59
CA PRO A 60 10.45 8.40 26.38
C PRO A 60 9.45 7.53 25.60
N ASP A 61 9.05 7.97 24.39
CA ASP A 61 8.08 7.21 23.58
C ASP A 61 8.75 6.18 22.65
N GLY A 62 10.06 6.04 22.76
CA GLY A 62 10.81 5.01 22.05
C GLY A 62 11.06 5.28 20.57
N MET A 63 10.70 6.48 20.11
CA MET A 63 10.82 6.87 18.70
CA MET A 63 10.85 6.83 18.71
C MET A 63 12.05 7.73 18.46
N PRO A 64 12.68 7.61 17.27
CA PRO A 64 13.82 8.46 16.98
C PRO A 64 13.35 9.88 16.67
N GLN A 65 14.23 10.86 16.82
CA GLN A 65 13.96 12.22 16.38
C GLN A 65 14.26 12.26 14.87
N PHE A 66 13.27 11.84 14.11
CA PHE A 66 13.42 11.61 12.66
C PHE A 66 12.02 11.68 12.10
N THR A 67 11.83 12.57 11.13
CA THR A 67 10.52 12.84 10.56
C THR A 67 10.39 12.27 9.16
N GLU A 68 9.19 12.35 8.63
CA GLU A 68 8.93 11.94 7.27
C GLU A 68 9.70 12.83 6.30
N ALA A 69 9.78 14.14 6.60
CA ALA A 69 10.60 15.07 5.84
C ALA A 69 12.09 14.71 5.83
N ASP A 70 12.59 14.21 6.97
CA ASP A 70 13.98 13.76 7.04
C ASP A 70 14.24 12.57 6.10
N LEU A 71 13.30 11.63 6.05
CA LEU A 71 13.43 10.48 5.15
C LEU A 71 13.40 10.94 3.70
N ALA A 72 12.48 11.85 3.40
CA ALA A 72 12.40 12.43 2.06
C ALA A 72 13.75 13.03 1.65
N ARG A 73 14.40 13.76 2.55
CA ARG A 73 15.72 14.35 2.29
C ARG A 73 16.77 13.27 2.06
N GLU A 74 16.80 12.26 2.94
CA GLU A 74 17.71 11.13 2.77
C GLU A 74 17.55 10.47 1.41
N TYR A 75 16.31 10.18 1.03
CA TYR A 75 16.05 9.52 -0.25
C TYR A 75 16.46 10.41 -1.42
N ALA A 76 16.11 11.70 -1.35
CA ALA A 76 16.45 12.65 -2.40
C ALA A 76 17.95 12.82 -2.58
N ASP A 77 18.70 12.76 -1.48
CA ASP A 77 20.14 13.03 -1.48
C ASP A 77 21.00 11.79 -1.74
N MET A 78 20.50 10.61 -1.37
CA MET A 78 21.33 9.40 -1.42
C MET A 78 20.66 8.18 -2.06
N GLY A 79 19.35 8.23 -2.28
CA GLY A 79 18.60 7.12 -2.88
C GLY A 79 18.71 5.80 -2.16
N THR A 80 18.75 5.84 -0.83
CA THR A 80 18.86 4.64 -0.01
C THR A 80 17.59 3.77 -0.13
N ASN A 81 17.72 2.46 0.13
CA ASN A 81 16.62 1.49 0.03
C ASN A 81 16.46 0.59 1.26
N PHE A 82 17.19 0.91 2.32
CA PHE A 82 17.26 0.06 3.51
C PHE A 82 17.36 0.95 4.74
N VAL A 83 16.81 0.44 5.84
CA VAL A 83 17.02 1.01 7.16
C VAL A 83 17.15 -0.11 8.20
N ARG A 84 18.10 0.06 9.10
CA ARG A 84 18.12 -0.70 10.34
C ARG A 84 17.44 0.21 11.39
N PHE A 85 16.21 -0.15 11.74
CA PHE A 85 15.37 0.72 12.58
C PHE A 85 15.43 0.22 14.01
N LEU A 86 15.91 1.10 14.90
CA LEU A 86 16.06 0.76 16.32
C LEU A 86 14.72 0.67 17.04
N ILE A 87 14.45 -0.51 17.61
CA ILE A 87 13.36 -0.67 18.58
C ILE A 87 14.00 -1.09 19.91
N SER A 88 13.20 -1.19 20.95
CA SER A 88 13.74 -1.55 22.27
C SER A 88 12.80 -2.44 23.07
N TRP A 89 13.42 -3.36 23.80
CA TRP A 89 12.69 -4.30 24.63
C TRP A 89 11.87 -3.55 25.70
N ARG A 90 12.45 -2.51 26.30
CA ARG A 90 11.76 -1.70 27.31
C ARG A 90 10.47 -1.06 26.78
N SER A 91 10.43 -0.77 25.48
CA SER A 91 9.26 -0.18 24.86
C SER A 91 8.23 -1.23 24.44
N VAL A 92 8.70 -2.39 23.99
CA VAL A 92 7.83 -3.52 23.63
C VAL A 92 7.14 -4.15 24.85
N GLU A 93 7.92 -4.36 25.91
CA GLU A 93 7.44 -5.09 27.08
C GLU A 93 7.71 -4.26 28.33
N PRO A 94 6.88 -3.22 28.57
CA PRO A 94 7.07 -2.38 29.74
C PRO A 94 6.76 -3.08 31.08
N ALA A 95 6.01 -4.18 31.05
CA ALA A 95 5.84 -5.05 32.21
C ALA A 95 5.89 -6.50 31.80
N PRO A 96 6.34 -7.39 32.70
CA PRO A 96 6.45 -8.80 32.36
C PRO A 96 5.17 -9.33 31.71
N GLY A 97 5.29 -9.80 30.47
CA GLY A 97 4.17 -10.40 29.74
C GLY A 97 3.12 -9.44 29.21
N VAL A 98 3.39 -8.14 29.31
CA VAL A 98 2.47 -7.08 28.88
C VAL A 98 3.16 -6.30 27.76
N TYR A 99 2.61 -6.39 26.55
CA TYR A 99 3.20 -5.74 25.37
C TYR A 99 2.46 -4.45 25.02
N ASP A 100 3.21 -3.41 24.69
CA ASP A 100 2.65 -2.10 24.40
C ASP A 100 2.29 -1.98 22.91
N GLN A 101 1.02 -2.19 22.61
CA GLN A 101 0.52 -2.13 21.24
C GLN A 101 0.55 -0.72 20.67
N GLN A 102 0.50 0.29 21.54
CA GLN A 102 0.57 1.67 21.10
CA GLN A 102 0.56 1.67 21.10
C GLN A 102 1.99 2.01 20.67
N TYR A 103 2.98 1.44 21.35
CA TYR A 103 4.37 1.56 20.88
C TYR A 103 4.52 0.91 19.49
N LEU A 104 3.98 -0.30 19.35
CA LEU A 104 4.02 -1.02 18.06
C LEU A 104 3.27 -0.25 16.95
N ASP A 105 2.17 0.43 17.30
CA ASP A 105 1.52 1.40 16.39
C ASP A 105 2.50 2.48 15.90
N ARG A 106 3.27 3.04 16.83
CA ARG A 106 4.23 4.09 16.50
C ARG A 106 5.31 3.56 15.57
N VAL A 107 5.84 2.38 15.87
CA VAL A 107 6.82 1.73 14.99
C VAL A 107 6.20 1.47 13.61
N GLU A 108 4.97 0.95 13.60
CA GLU A 108 4.27 0.69 12.34
C GLU A 108 4.09 1.96 11.50
N ASP A 109 3.82 3.10 12.14
CA ASP A 109 3.71 4.39 11.46
CA ASP A 109 3.70 4.38 11.44
C ASP A 109 5.02 4.75 10.74
N ARG A 110 6.13 4.60 11.46
CA ARG A 110 7.47 4.86 10.87
C ARG A 110 7.80 3.92 9.71
N VAL A 111 7.56 2.62 9.90
CA VAL A 111 7.75 1.63 8.82
C VAL A 111 6.94 2.03 7.59
N GLY A 112 5.76 2.60 7.81
CA GLY A 112 4.93 3.14 6.73
C GLY A 112 5.62 4.21 5.89
N TRP A 113 6.37 5.10 6.55
CA TRP A 113 7.13 6.12 5.84
C TRP A 113 8.15 5.48 4.88
N TYR A 114 8.85 4.49 5.40
CA TYR A 114 9.82 3.73 4.61
C TYR A 114 9.13 2.97 3.45
N ALA A 115 8.03 2.29 3.77
CA ALA A 115 7.25 1.54 2.78
C ALA A 115 6.85 2.40 1.58
N GLU A 116 6.36 3.61 1.86
CA GLU A 116 5.92 4.55 0.82
C GLU A 116 7.02 4.94 -0.17
N ARG A 117 8.28 4.96 0.30
CA ARG A 117 9.43 5.32 -0.55
C ARG A 117 10.25 4.12 -1.01
N GLY A 118 9.66 2.92 -0.89
CA GLY A 118 10.21 1.70 -1.47
C GLY A 118 11.36 1.09 -0.67
N TYR A 119 11.48 1.46 0.61
CA TYR A 119 12.51 0.91 1.48
C TYR A 119 12.14 -0.47 1.99
N LYS A 120 13.18 -1.25 2.31
CA LYS A 120 13.06 -2.45 3.12
C LYS A 120 13.59 -2.11 4.52
N VAL A 121 12.96 -2.71 5.53
CA VAL A 121 13.21 -2.38 6.92
C VAL A 121 13.74 -3.60 7.67
N MET A 122 14.83 -3.40 8.40
CA MET A 122 15.30 -4.38 9.39
CA MET A 122 15.30 -4.38 9.39
C MET A 122 15.06 -3.80 10.78
N LEU A 123 14.27 -4.50 11.59
CA LEU A 123 14.03 -4.04 12.97
C LEU A 123 15.15 -4.60 13.89
N ASP A 124 15.78 -3.67 14.61
CA ASP A 124 16.92 -3.95 15.50
C ASP A 124 16.46 -3.84 16.96
N MET A 125 16.40 -4.98 17.65
CA MET A 125 16.14 -4.96 19.09
C MET A 125 17.41 -4.48 19.78
N HIS A 126 17.44 -3.19 20.04
CA HIS A 126 18.69 -2.50 20.36
C HIS A 126 18.95 -2.39 21.84
N GLN A 127 20.20 -2.66 22.23
CA GLN A 127 20.69 -2.33 23.55
C GLN A 127 22.15 -1.88 23.45
N ASP A 128 22.55 -0.99 24.35
CA ASP A 128 23.96 -0.73 24.64
C ASP A 128 24.08 -0.67 26.16
N VAL A 129 24.99 -1.47 26.71
CA VAL A 129 25.22 -1.55 28.16
C VAL A 129 23.92 -1.96 28.88
N TYR A 130 23.19 -2.88 28.25
CA TYR A 130 22.03 -3.57 28.79
C TYR A 130 20.75 -2.74 28.92
N SER A 131 20.81 -1.62 29.64
CA SER A 131 19.59 -0.92 30.02
C SER A 131 19.85 0.49 30.54
N GLY A 132 18.85 1.35 30.39
CA GLY A 132 18.86 2.65 31.04
C GLY A 132 18.87 2.54 32.57
N ALA A 133 18.41 1.41 33.09
CA ALA A 133 18.32 1.19 34.54
C ALA A 133 19.63 0.85 35.25
N ILE A 134 20.76 0.88 34.54
CA ILE A 134 22.07 0.58 35.16
C ILE A 134 22.58 1.71 36.08
N THR A 135 22.06 2.93 35.91
CA THR A 135 22.42 4.05 36.79
C THR A 135 21.16 4.79 37.26
N ALA A 146 20.15 6.77 30.97
CA ALA A 146 20.97 7.84 30.42
C ALA A 146 22.33 7.33 29.91
N ILE A 147 22.87 6.28 30.51
CA ILE A 147 24.12 5.67 30.02
C ILE A 147 23.81 4.48 29.10
N GLY A 148 23.18 3.45 29.65
CA GLY A 148 22.76 2.30 28.87
C GLY A 148 21.38 2.49 28.24
N ASN A 149 20.96 1.49 27.46
CA ASN A 149 19.62 1.45 26.88
C ASN A 149 19.26 0.03 26.50
N GLY A 150 17.96 -0.28 26.47
CA GLY A 150 17.49 -1.56 25.93
C GLY A 150 16.45 -2.24 26.78
N ALA A 151 16.91 -2.93 27.82
CA ALA A 151 16.04 -3.75 28.63
C ALA A 151 15.16 -2.88 29.52
N PRO A 152 13.95 -3.35 29.86
CA PRO A 152 13.19 -2.60 30.85
C PRO A 152 13.80 -2.77 32.24
N ALA A 153 13.50 -1.82 33.12
CA ALA A 153 13.99 -1.83 34.50
C ALA A 153 13.65 -3.13 35.23
N TRP A 154 12.43 -3.65 35.02
CA TRP A 154 12.03 -4.91 35.65
C TRP A 154 12.92 -6.10 35.26
N ALA A 155 13.55 -6.02 34.08
CA ALA A 155 14.44 -7.07 33.57
C ALA A 155 15.92 -6.87 33.96
N THR A 156 16.21 -5.82 34.72
CA THR A 156 17.57 -5.43 35.08
C THR A 156 17.86 -5.78 36.55
N TYR A 157 18.71 -6.79 36.74
CA TYR A 157 19.07 -7.26 38.07
C TYR A 157 20.58 -7.14 38.30
N MET A 158 20.99 -6.03 38.91
CA MET A 158 22.39 -5.79 39.25
C MET A 158 22.75 -6.31 40.64
N ASP A 159 21.72 -6.72 41.40
CA ASP A 159 21.89 -7.33 42.72
C ASP A 159 22.69 -6.46 43.69
N GLY A 160 22.51 -5.15 43.58
CA GLY A 160 23.17 -4.19 44.44
C GLY A 160 24.65 -3.94 44.16
N LEU A 161 25.19 -4.58 43.13
CA LEU A 161 26.62 -4.43 42.81
C LEU A 161 26.84 -3.08 42.14
N PRO A 162 27.99 -2.44 42.38
CA PRO A 162 28.19 -1.05 41.97
C PRO A 162 28.29 -0.78 40.46
N VAL A 163 27.85 0.41 40.06
CA VAL A 163 28.08 0.94 38.73
C VAL A 163 28.55 2.38 38.88
N GLU A 164 29.84 2.52 39.15
CA GLU A 164 30.40 3.84 39.44
C GLU A 164 30.72 4.58 38.14
N PRO A 165 30.60 5.93 38.16
CA PRO A 165 30.85 6.73 36.97
C PRO A 165 32.22 6.51 36.34
N GLN A 166 32.26 6.41 35.01
CA GLN A 166 33.48 6.14 34.28
C GLN A 166 33.73 7.26 33.26
N PRO A 167 35.00 7.45 32.85
CA PRO A 167 35.35 8.53 31.93
C PRO A 167 34.87 8.32 30.48
N ARG A 168 34.52 7.09 30.12
CA ARG A 168 34.02 6.77 28.79
C ARG A 168 32.86 5.79 28.93
N TRP A 169 31.84 5.92 28.08
CA TRP A 169 30.65 5.09 28.20
C TRP A 169 30.95 3.58 28.06
N GLU A 170 31.90 3.26 27.18
CA GLU A 170 32.25 1.86 26.89
C GLU A 170 32.68 1.10 28.14
N LEU A 171 33.34 1.80 29.06
CA LEU A 171 33.81 1.21 30.33
C LEU A 171 32.70 0.79 31.29
N TYR A 172 31.48 1.29 31.10
CA TYR A 172 30.36 0.85 31.94
C TYR A 172 30.04 -0.64 31.73
N TYR A 173 30.37 -1.18 30.56
CA TYR A 173 30.13 -2.60 30.27
C TYR A 173 30.76 -3.55 31.31
N ILE A 174 31.91 -3.18 31.84
CA ILE A 174 32.66 -4.07 32.73
C ILE A 174 32.49 -3.74 34.23
N GLN A 175 31.62 -2.79 34.56
CA GLN A 175 31.32 -2.48 35.97
C GLN A 175 30.53 -3.60 36.62
N PRO A 176 30.76 -3.86 37.93
CA PRO A 176 30.19 -5.04 38.56
C PRO A 176 28.67 -5.22 38.36
N GLY A 177 27.91 -4.15 38.55
CA GLY A 177 26.47 -4.21 38.40
C GLY A 177 26.03 -4.50 36.98
N VAL A 178 26.75 -3.99 36.00
CA VAL A 178 26.42 -4.24 34.59
C VAL A 178 26.75 -5.67 34.21
N MET A 179 27.95 -6.13 34.59
CA MET A 179 28.33 -7.53 34.42
C MET A 179 27.31 -8.49 35.03
N ARG A 180 26.79 -8.14 36.22
CA ARG A 180 25.76 -8.96 36.87
C ARG A 180 24.41 -8.90 36.17
N ALA A 181 24.00 -7.71 35.70
CA ALA A 181 22.78 -7.58 34.90
C ALA A 181 22.82 -8.54 33.69
N PHE A 182 23.94 -8.54 32.96
CA PHE A 182 24.11 -9.46 31.81
C PHE A 182 24.17 -10.92 32.26
N ASP A 183 24.92 -11.21 33.32
CA ASP A 183 25.00 -12.57 33.86
C ASP A 183 23.62 -13.10 34.29
N ASN A 184 22.77 -12.23 34.82
CA ASN A 184 21.41 -12.62 35.17
C ASN A 184 20.56 -12.83 33.91
N PHE A 185 20.68 -11.92 32.96
CA PHE A 185 19.98 -12.09 31.68
C PHE A 185 20.29 -13.43 31.00
N TRP A 186 21.57 -13.78 30.87
CA TRP A 186 21.97 -15.07 30.28
C TRP A 186 21.76 -16.27 31.22
N ASN A 187 21.27 -16.02 32.44
CA ASN A 187 21.12 -17.02 33.48
C ASN A 187 22.42 -17.77 33.78
N THR A 188 23.54 -17.07 33.63
CA THR A 188 24.84 -17.58 34.04
C THR A 188 24.82 -17.76 35.55
N THR A 189 24.11 -16.87 36.25
CA THR A 189 23.91 -16.95 37.70
C THR A 189 22.97 -18.06 38.17
N GLY A 190 22.16 -18.61 37.26
CA GLY A 190 21.15 -19.62 37.60
C GLY A 190 19.86 -19.07 38.20
N LYS A 191 19.82 -17.75 38.39
CA LYS A 191 18.77 -17.09 39.16
C LYS A 191 17.62 -16.52 38.32
N HIS A 192 17.79 -16.44 37.00
CA HIS A 192 16.80 -15.78 36.13
C HIS A 192 16.59 -16.47 34.78
N PRO A 193 16.15 -17.73 34.81
CA PRO A 193 15.88 -18.46 33.57
C PRO A 193 14.76 -17.81 32.72
N GLU A 194 13.93 -17.00 33.37
CA GLU A 194 12.76 -16.39 32.72
C GLU A 194 13.13 -15.29 31.72
N LEU A 195 14.29 -14.65 31.90
CA LEU A 195 14.62 -13.46 31.13
C LEU A 195 14.72 -13.70 29.63
N VAL A 196 15.46 -14.73 29.21
CA VAL A 196 15.53 -15.07 27.78
C VAL A 196 14.16 -15.49 27.26
N GLU A 197 13.39 -16.23 28.06
CA GLU A 197 12.04 -16.58 27.64
C GLU A 197 11.17 -15.34 27.40
N HIS A 198 11.24 -14.36 28.29
CA HIS A 198 10.57 -13.08 28.08
C HIS A 198 11.06 -12.36 26.82
N TYR A 199 12.38 -12.36 26.62
CA TYR A 199 13.00 -11.76 25.42
C TYR A 199 12.43 -12.38 24.15
N ALA A 200 12.43 -13.71 24.09
CA ALA A 200 11.92 -14.43 22.91
C ALA A 200 10.45 -14.07 22.64
N LYS A 201 9.64 -14.02 23.70
CA LYS A 201 8.21 -13.71 23.53
C LYS A 201 7.91 -12.24 23.22
N ALA A 202 8.81 -11.34 23.59
CA ALA A 202 8.70 -9.94 23.20
C ALA A 202 8.96 -9.84 21.69
N TRP A 203 9.97 -10.57 21.22
CA TRP A 203 10.20 -10.69 19.78
C TRP A 203 9.00 -11.30 19.04
N ARG A 204 8.38 -12.32 19.63
CA ARG A 204 7.19 -12.92 19.03
C ARG A 204 6.07 -11.87 18.86
N ALA A 205 5.90 -11.02 19.86
CA ALA A 205 4.91 -9.94 19.82
C ALA A 205 5.21 -8.97 18.67
N VAL A 206 6.48 -8.62 18.51
CA VAL A 206 6.89 -7.74 17.43
C VAL A 206 6.64 -8.41 16.08
N ALA A 207 7.03 -9.68 15.95
CA ALA A 207 6.85 -10.40 14.68
C ALA A 207 5.36 -10.59 14.34
N ASP A 208 4.55 -10.79 15.37
CA ASP A 208 3.09 -10.93 15.19
C ASP A 208 2.53 -9.67 14.54
N ARG A 209 2.99 -8.50 14.98
CA ARG A 209 2.57 -7.22 14.36
C ARG A 209 3.06 -7.04 12.91
N PHE A 210 4.28 -7.48 12.63
CA PHE A 210 4.91 -7.15 11.34
C PHE A 210 4.97 -8.30 10.33
N ALA A 211 4.47 -9.47 10.69
CA ALA A 211 4.50 -10.62 9.79
C ALA A 211 3.97 -10.28 8.40
N ASP A 212 2.89 -9.50 8.32
CA ASP A 212 2.29 -9.19 7.02
C ASP A 212 2.62 -7.81 6.50
N ASN A 213 3.69 -7.22 7.04
CA ASN A 213 4.16 -5.94 6.57
C ASN A 213 5.15 -6.11 5.43
N ASP A 214 4.73 -5.70 4.23
CA ASP A 214 5.50 -5.88 3.02
C ASP A 214 6.82 -5.08 2.94
N ALA A 215 7.02 -4.12 3.84
CA ALA A 215 8.27 -3.35 3.89
C ALA A 215 9.31 -3.97 4.83
N VAL A 216 8.88 -4.84 5.74
CA VAL A 216 9.80 -5.46 6.70
C VAL A 216 10.41 -6.75 6.16
N VAL A 217 11.73 -6.80 6.07
CA VAL A 217 12.46 -7.94 5.50
C VAL A 217 13.31 -8.72 6.51
N ALA A 218 13.60 -8.12 7.67
CA ALA A 218 14.54 -8.72 8.60
C ALA A 218 14.31 -8.29 10.05
N TYR A 219 14.65 -9.19 10.97
CA TYR A 219 14.62 -8.94 12.41
C TYR A 219 16.04 -9.20 12.92
N ASP A 220 16.71 -8.16 13.39
CA ASP A 220 18.05 -8.27 13.95
C ASP A 220 17.88 -8.51 15.46
N LEU A 221 18.12 -9.75 15.88
CA LEU A 221 17.61 -10.23 17.17
C LEU A 221 18.23 -9.55 18.39
N MET A 222 19.51 -9.20 18.32
CA MET A 222 20.16 -8.51 19.42
C MET A 222 21.33 -7.64 18.98
N ASN A 223 21.23 -6.35 19.25
CA ASN A 223 22.36 -5.47 18.99
C ASN A 223 23.54 -5.83 19.88
N GLU A 224 24.71 -5.90 19.26
CA GLU A 224 26.00 -6.04 19.94
C GLU A 224 25.95 -6.89 21.21
N PRO A 225 25.67 -8.19 21.04
CA PRO A 225 25.62 -9.07 22.21
C PRO A 225 26.89 -9.01 23.06
N PHE A 226 26.67 -9.04 24.36
CA PHE A 226 27.76 -8.99 25.35
C PHE A 226 27.46 -10.02 26.43
N GLY A 227 28.46 -10.84 26.74
CA GLY A 227 28.25 -12.01 27.60
C GLY A 227 28.55 -11.83 29.07
N GLY A 228 28.91 -10.62 29.48
CA GLY A 228 29.26 -10.37 30.87
C GLY A 228 30.51 -11.15 31.24
N SER A 229 30.39 -12.06 32.22
CA SER A 229 31.52 -12.86 32.67
C SER A 229 31.87 -14.02 31.73
N LEU A 230 31.01 -14.27 30.74
CA LEU A 230 31.31 -15.22 29.66
C LEU A 230 31.73 -14.44 28.42
N GLN A 231 32.82 -14.87 27.77
CA GLN A 231 33.32 -14.20 26.55
C GLN A 231 33.88 -15.21 25.56
N GLY A 232 33.84 -14.83 24.28
CA GLY A 232 34.34 -15.71 23.22
C GLY A 232 33.38 -16.85 22.91
N PRO A 233 33.91 -17.93 22.32
CA PRO A 233 33.11 -19.12 21.98
C PRO A 233 32.27 -19.70 23.11
N ALA A 234 32.77 -19.65 24.34
CA ALA A 234 31.97 -20.07 25.52
C ALA A 234 30.65 -19.32 25.59
N PHE A 235 30.69 -18.03 25.27
CA PHE A 235 29.49 -17.22 25.25
C PHE A 235 28.67 -17.44 23.98
N GLU A 236 29.34 -17.34 22.83
CA GLU A 236 28.65 -17.31 21.54
C GLU A 236 28.01 -18.63 21.13
N ALA A 237 28.69 -19.74 21.42
CA ALA A 237 28.15 -21.08 21.13
C ALA A 237 27.29 -21.62 22.28
N GLY A 238 27.26 -20.91 23.40
CA GLY A 238 26.48 -21.29 24.56
C GLY A 238 25.19 -20.48 24.65
N PRO A 239 25.07 -19.60 25.66
CA PRO A 239 23.79 -18.89 25.86
C PRO A 239 23.36 -17.98 24.70
N LEU A 240 24.31 -17.43 23.96
CA LEU A 240 23.98 -16.55 22.82
C LEU A 240 23.22 -17.35 21.76
N ALA A 241 23.82 -18.45 21.30
CA ALA A 241 23.21 -19.31 20.30
C ALA A 241 21.88 -19.90 20.79
N ALA A 242 21.83 -20.24 22.08
CA ALA A 242 20.61 -20.76 22.72
C ALA A 242 19.47 -19.73 22.69
N MET A 243 19.77 -18.49 23.05
CA MET A 243 18.80 -17.41 22.96
C MET A 243 18.31 -17.20 21.51
N TYR A 244 19.24 -17.16 20.56
CA TYR A 244 18.88 -17.02 19.15
C TYR A 244 17.95 -18.13 18.64
N GLN A 245 18.21 -19.37 19.06
CA GLN A 245 17.34 -20.48 18.69
C GLN A 245 15.94 -20.35 19.30
N ARG A 246 15.87 -20.02 20.59
CA ARG A 246 14.59 -19.86 21.25
C ARG A 246 13.78 -18.70 20.63
N THR A 247 14.46 -17.60 20.35
CA THR A 247 13.82 -16.39 19.78
C THR A 247 13.36 -16.65 18.33
N THR A 248 14.22 -17.29 17.53
CA THR A 248 13.85 -17.70 16.18
C THR A 248 12.59 -18.58 16.23
N ASP A 249 12.62 -19.57 17.10
CA ASP A 249 11.49 -20.52 17.26
C ASP A 249 10.20 -19.81 17.62
N ALA A 250 10.28 -18.84 18.53
CA ALA A 250 9.11 -18.05 18.94
C ALA A 250 8.60 -17.16 17.81
N ILE A 251 9.51 -16.49 17.10
CA ILE A 251 9.16 -15.66 15.94
C ILE A 251 8.45 -16.50 14.87
N ARG A 252 8.93 -17.72 14.66
CA ARG A 252 8.38 -18.62 13.64
C ARG A 252 7.01 -19.22 14.00
N GLN A 253 6.51 -18.96 15.21
CA GLN A 253 5.11 -19.26 15.53
C GLN A 253 4.13 -18.34 14.81
N VAL A 254 4.57 -17.10 14.52
CA VAL A 254 3.71 -16.06 13.96
C VAL A 254 4.19 -15.46 12.63
N ASP A 255 5.44 -15.73 12.26
CA ASP A 255 6.03 -15.15 11.06
C ASP A 255 6.98 -16.16 10.43
N GLN A 256 6.60 -16.69 9.26
CA GLN A 256 7.40 -17.71 8.57
C GLN A 256 8.45 -17.15 7.62
N ASP A 257 8.27 -15.92 7.13
CA ASP A 257 9.01 -15.46 5.96
C ASP A 257 10.06 -14.38 6.20
N THR A 258 9.94 -13.61 7.27
CA THR A 258 10.93 -12.56 7.54
C THR A 258 12.29 -13.18 7.89
N TRP A 259 13.36 -12.60 7.35
CA TRP A 259 14.70 -13.06 7.71
C TRP A 259 15.03 -12.82 9.19
N VAL A 260 15.56 -13.84 9.83
CA VAL A 260 16.05 -13.72 11.19
C VAL A 260 17.54 -13.47 11.13
N CYS A 261 17.97 -12.34 11.69
CA CYS A 261 19.36 -11.93 11.57
C CYS A 261 20.05 -12.04 12.91
N VAL A 262 21.21 -12.70 12.91
CA VAL A 262 21.95 -12.97 14.14
C VAL A 262 23.35 -12.35 14.07
N ALA A 263 23.80 -11.84 15.21
CA ALA A 263 25.08 -11.16 15.32
C ALA A 263 26.04 -11.98 16.20
N PRO A 264 27.37 -11.81 15.98
CA PRO A 264 28.33 -12.40 16.90
C PRO A 264 28.41 -11.50 18.11
N GLN A 265 29.15 -11.87 19.14
CA GLN A 265 29.42 -10.90 20.20
C GLN A 265 30.17 -9.72 19.55
N ALA A 266 29.97 -8.52 20.08
CA ALA A 266 30.53 -7.33 19.48
C ALA A 266 31.99 -7.16 19.84
N ILE A 267 32.31 -7.23 21.14
CA ILE A 267 33.67 -6.91 21.58
C ILE A 267 34.64 -7.95 21.00
N GLY A 268 35.74 -7.47 20.42
CA GLY A 268 36.70 -8.34 19.71
C GLY A 268 36.35 -8.58 18.25
N VAL A 269 35.17 -9.15 18.00
CA VAL A 269 34.73 -9.47 16.65
C VAL A 269 34.52 -8.17 15.83
N ASN A 270 34.02 -7.11 16.46
CA ASN A 270 33.96 -5.78 15.83
C ASN A 270 35.30 -5.30 15.28
N GLN A 271 36.36 -5.71 15.98
CA GLN A 271 37.74 -5.30 15.67
C GLN A 271 38.48 -6.28 14.75
N GLY A 272 37.80 -7.34 14.30
CA GLY A 272 38.38 -8.30 13.34
C GLY A 272 38.75 -9.68 13.87
N LEU A 273 38.36 -9.98 15.11
CA LEU A 273 38.59 -11.31 15.68
C LEU A 273 37.53 -12.29 15.19
N PRO A 274 37.86 -13.59 15.19
CA PRO A 274 36.87 -14.59 14.81
C PRO A 274 35.72 -14.71 15.81
N SER A 275 34.56 -15.11 15.29
CA SER A 275 33.38 -15.45 16.08
C SER A 275 33.28 -16.97 16.29
N GLY A 276 32.83 -17.35 17.48
CA GLY A 276 32.50 -18.74 17.79
C GLY A 276 31.02 -19.06 17.67
N LEU A 277 30.24 -18.16 17.07
CA LEU A 277 28.81 -18.42 16.85
C LEU A 277 28.56 -19.68 16.02
N THR A 278 27.53 -20.43 16.40
CA THR A 278 27.21 -21.71 15.78
C THR A 278 25.87 -21.61 15.03
N LYS A 279 25.60 -22.60 14.20
CA LYS A 279 24.45 -22.57 13.31
C LYS A 279 23.14 -22.54 14.08
N ILE A 280 22.21 -21.74 13.57
CA ILE A 280 20.86 -21.62 14.12
C ILE A 280 19.90 -22.31 13.16
N ASP A 281 18.97 -23.10 13.72
CA ASP A 281 17.99 -23.84 12.90
C ASP A 281 16.77 -22.99 12.65
N ASP A 282 16.34 -22.92 11.41
CA ASP A 282 15.14 -22.19 11.05
C ASP A 282 14.05 -23.24 10.82
N PRO A 283 13.01 -23.23 11.67
CA PRO A 283 11.94 -24.22 11.52
C PRO A 283 10.97 -23.97 10.36
N ARG A 284 11.11 -22.87 9.61
CA ARG A 284 10.18 -22.58 8.51
C ARG A 284 10.22 -23.69 7.47
N ALA A 285 9.05 -24.02 6.92
CA ALA A 285 8.98 -24.94 5.80
C ALA A 285 9.74 -24.33 4.63
N GLY A 286 10.60 -25.11 3.98
CA GLY A 286 11.40 -24.61 2.86
C GLY A 286 12.80 -24.19 3.27
N GLN A 287 13.40 -23.32 2.46
CA GLN A 287 14.79 -22.92 2.66
C GLN A 287 14.95 -22.04 3.91
N GLN A 288 16.08 -22.20 4.59
CA GLN A 288 16.43 -21.40 5.74
C GLN A 288 16.43 -19.90 5.41
N ARG A 289 15.89 -19.09 6.32
CA ARG A 289 15.96 -17.62 6.18
C ARG A 289 16.61 -16.99 7.41
N ILE A 290 17.91 -17.30 7.56
CA ILE A 290 18.78 -16.75 8.59
C ILE A 290 19.82 -15.92 7.85
N ALA A 291 20.17 -14.76 8.39
CA ALA A 291 21.25 -13.95 7.85
C ALA A 291 22.21 -13.54 8.96
N TYR A 292 23.42 -13.16 8.58
CA TYR A 292 24.47 -12.82 9.54
C TYR A 292 24.67 -11.31 9.54
N CYS A 293 24.60 -10.67 10.72
CA CYS A 293 24.65 -9.20 10.78
CA CYS A 293 24.63 -9.21 10.81
C CYS A 293 25.70 -8.66 11.76
N PRO A 294 27.00 -8.88 11.44
CA PRO A 294 28.10 -8.34 12.24
C PRO A 294 28.30 -6.84 12.02
N HIS A 295 29.09 -6.23 12.90
CA HIS A 295 29.49 -4.84 12.77
C HIS A 295 30.99 -4.75 12.50
N LEU A 296 31.43 -3.57 12.05
CA LEU A 296 32.83 -3.30 11.75
C LEU A 296 33.29 -2.00 12.40
N TYR A 297 34.19 -2.12 13.37
CA TYR A 297 34.78 -0.98 14.06
C TYR A 297 36.27 -1.19 14.34
N PRO A 298 37.12 -0.92 13.34
CA PRO A 298 38.57 -1.05 13.50
C PRO A 298 39.10 -0.21 14.65
N LEU A 299 40.04 -0.78 15.39
CA LEU A 299 40.61 -0.16 16.60
C LEU A 299 41.23 1.23 16.40
N PRO A 300 42.04 1.42 15.35
CA PRO A 300 42.69 2.72 15.17
C PRO A 300 41.71 3.90 15.03
N LEU A 301 40.49 3.64 14.54
CA LEU A 301 39.47 4.68 14.39
C LEU A 301 38.80 5.06 15.72
N ASP A 302 38.92 4.20 16.74
CA ASP A 302 38.29 4.46 18.04
C ASP A 302 39.19 5.28 18.97
N HIS A 307 42.85 8.21 9.57
CA HIS A 307 43.07 7.09 8.65
C HIS A 307 44.30 7.37 7.78
N GLU A 308 45.45 7.41 8.42
CA GLU A 308 46.73 7.63 7.73
C GLU A 308 47.90 6.96 8.47
N GLY A 309 49.02 6.81 7.77
CA GLY A 309 50.24 6.25 8.34
C GLY A 309 50.06 4.78 8.67
N LEU A 310 50.67 4.36 9.78
CA LEU A 310 50.50 3.01 10.31
C LEU A 310 49.04 2.76 10.68
N ALA A 311 48.34 3.79 11.16
CA ALA A 311 46.91 3.68 11.48
C ALA A 311 46.06 3.22 10.28
N ARG A 312 46.41 3.68 9.08
CA ARG A 312 45.73 3.25 7.85
C ARG A 312 46.00 1.78 7.54
N THR A 313 47.26 1.36 7.68
CA THR A 313 47.65 -0.03 7.50
C THR A 313 46.91 -0.95 8.46
N LEU A 314 46.80 -0.52 9.72
CA LEU A 314 46.09 -1.30 10.73
C LEU A 314 44.61 -1.44 10.37
N THR A 315 44.01 -0.36 9.89
CA THR A 315 42.59 -0.39 9.50
C THR A 315 42.35 -1.24 8.25
N ASP A 316 43.25 -1.14 7.27
CA ASP A 316 43.17 -1.95 6.06
C ASP A 316 43.28 -3.46 6.33
N VAL A 317 44.21 -3.87 7.18
CA VAL A 317 44.33 -5.29 7.53
C VAL A 317 43.19 -5.75 8.44
N THR A 318 42.63 -4.83 9.24
CA THR A 318 41.43 -5.15 10.04
C THR A 318 40.26 -5.54 9.12
N ILE A 319 40.06 -4.77 8.05
CA ILE A 319 39.00 -5.07 7.08
C ILE A 319 39.22 -6.46 6.47
N ASP A 320 40.47 -6.75 6.12
CA ASP A 320 40.84 -8.04 5.51
C ASP A 320 40.47 -9.18 6.46
N ALA A 321 40.85 -9.01 7.73
CA ALA A 321 40.57 -10.00 8.77
C ALA A 321 39.07 -10.14 8.99
N TRP A 322 38.39 -8.99 9.08
CA TRP A 322 36.94 -8.94 9.27
C TRP A 322 36.19 -9.66 8.15
N ARG A 323 36.62 -9.42 6.91
CA ARG A 323 36.03 -10.09 5.74
C ARG A 323 36.20 -11.62 5.81
N ALA A 324 37.42 -12.08 6.11
CA ALA A 324 37.70 -13.51 6.22
C ALA A 324 36.85 -14.19 7.31
N ASN A 325 36.77 -13.55 8.47
CA ASN A 325 36.03 -14.09 9.60
C ASN A 325 34.52 -14.06 9.33
N THR A 326 34.03 -12.95 8.80
CA THR A 326 32.61 -12.80 8.46
C THR A 326 32.17 -13.88 7.46
N ALA A 327 32.95 -14.04 6.39
CA ALA A 327 32.70 -15.07 5.38
C ALA A 327 32.65 -16.47 6.01
N HIS A 328 33.59 -16.78 6.90
CA HIS A 328 33.61 -18.07 7.60
C HIS A 328 32.34 -18.32 8.40
N THR A 329 31.94 -17.36 9.21
CA THR A 329 30.78 -17.53 10.06
C THR A 329 29.49 -17.57 9.24
N ALA A 330 29.43 -16.81 8.15
CA ALA A 330 28.30 -16.88 7.24
C ALA A 330 28.18 -18.30 6.63
N ARG A 331 29.32 -18.93 6.36
CA ARG A 331 29.34 -20.34 5.94
C ARG A 331 28.82 -21.28 7.03
N VAL A 332 29.35 -21.14 8.25
CA VAL A 332 28.92 -21.95 9.41
C VAL A 332 27.40 -21.89 9.61
N LEU A 333 26.83 -20.71 9.44
CA LEU A 333 25.40 -20.52 9.63
C LEU A 333 24.54 -21.13 8.51
N GLY A 334 25.18 -21.62 7.45
CA GLY A 334 24.49 -22.22 6.30
C GLY A 334 24.61 -21.44 5.01
N ASP A 335 25.78 -20.85 4.76
CA ASP A 335 26.02 -20.06 3.54
C ASP A 335 24.96 -18.98 3.42
N VAL A 336 24.87 -18.20 4.49
CA VAL A 336 23.79 -17.23 4.68
C VAL A 336 24.18 -15.86 4.09
N PRO A 337 23.16 -15.02 3.79
CA PRO A 337 23.45 -13.64 3.41
C PRO A 337 24.05 -12.83 4.56
N ILE A 338 24.80 -11.80 4.20
CA ILE A 338 25.51 -10.96 5.16
C ILE A 338 24.94 -9.54 5.08
N ILE A 339 24.72 -8.93 6.25
CA ILE A 339 24.41 -7.50 6.33
C ILE A 339 25.41 -6.87 7.28
N LEU A 340 26.17 -5.90 6.79
CA LEU A 340 26.99 -5.09 7.65
C LEU A 340 26.07 -4.12 8.40
N GLY A 341 25.66 -4.53 9.60
CA GLY A 341 24.65 -3.81 10.38
C GLY A 341 25.06 -2.47 10.95
N GLU A 342 26.35 -2.30 11.21
CA GLU A 342 26.96 -1.03 11.60
C GLU A 342 28.41 -0.92 11.12
N PHE A 343 28.74 0.25 10.59
CA PHE A 343 30.11 0.77 10.61
C PHE A 343 29.94 2.29 10.51
N GLY A 344 30.96 3.04 10.87
CA GLY A 344 30.83 4.49 10.86
C GLY A 344 32.00 5.14 11.54
N LEU A 345 32.20 6.41 11.24
CA LEU A 345 33.25 7.19 11.87
C LEU A 345 32.98 8.69 11.69
N ASP A 346 33.76 9.49 12.41
CA ASP A 346 33.81 10.92 12.24
C ASP A 346 34.30 11.25 10.82
N THR A 347 33.38 11.70 9.96
CA THR A 347 33.69 11.99 8.55
C THR A 347 34.62 13.19 8.34
N THR A 348 34.89 13.95 9.40
CA THR A 348 35.80 15.09 9.34
C THR A 348 37.25 14.70 9.60
N LEU A 349 37.48 13.41 9.88
CA LEU A 349 38.84 12.89 10.03
C LEU A 349 39.49 12.70 8.66
N PRO A 350 40.74 13.16 8.51
CA PRO A 350 41.49 12.86 7.29
C PRO A 350 41.52 11.36 6.98
N GLY A 351 41.31 11.02 5.71
CA GLY A 351 41.27 9.62 5.27
C GLY A 351 39.90 8.98 5.39
N ALA A 352 38.93 9.69 5.97
CA ALA A 352 37.58 9.14 6.19
C ALA A 352 36.93 8.64 4.89
N ARG A 353 37.03 9.43 3.82
CA ARG A 353 36.41 9.01 2.55
C ARG A 353 37.04 7.73 2.00
N ASP A 354 38.36 7.63 2.06
CA ASP A 354 39.04 6.41 1.61
C ASP A 354 38.59 5.20 2.40
N TYR A 355 38.45 5.35 3.71
CA TYR A 355 37.97 4.24 4.55
C TYR A 355 36.55 3.85 4.16
N ILE A 356 35.66 4.84 4.05
CA ILE A 356 34.26 4.57 3.69
C ILE A 356 34.16 3.86 2.34
N GLU A 357 34.87 4.37 1.34
CA GLU A 357 34.86 3.77 0.01
C GLU A 357 35.44 2.35 0.01
N ARG A 358 36.46 2.10 0.83
CA ARG A 358 37.00 0.75 0.95
C ARG A 358 35.99 -0.22 1.59
N VAL A 359 35.27 0.24 2.61
CA VAL A 359 34.26 -0.61 3.27
C VAL A 359 33.10 -0.94 2.32
N TYR A 360 32.60 0.05 1.58
CA TYR A 360 31.52 -0.21 0.61
C TYR A 360 31.95 -1.13 -0.54
N GLY A 361 33.20 -1.02 -1.00
CA GLY A 361 33.72 -1.91 -2.03
C GLY A 361 33.82 -3.34 -1.53
N THR A 362 34.24 -3.48 -0.28
CA THR A 362 34.35 -4.78 0.37
C THR A 362 32.95 -5.40 0.53
N ALA A 363 31.98 -4.61 1.01
CA ALA A 363 30.58 -5.08 1.14
C ALA A 363 30.03 -5.52 -0.23
N ARG A 364 30.29 -4.71 -1.26
CA ARG A 364 29.88 -5.03 -2.63
C ARG A 364 30.44 -6.38 -3.09
N GLU A 365 31.74 -6.56 -2.91
CA GLU A 365 32.40 -7.81 -3.26
C GLU A 365 31.86 -9.01 -2.46
N MET A 366 31.44 -8.76 -1.21
CA MET A 366 30.90 -9.81 -0.34
C MET A 366 29.41 -10.09 -0.58
N GLY A 367 28.76 -9.25 -1.38
CA GLY A 367 27.32 -9.32 -1.56
C GLY A 367 26.56 -8.97 -0.30
N ALA A 368 27.10 -8.01 0.48
CA ALA A 368 26.51 -7.67 1.77
C ALA A 368 25.67 -6.40 1.70
N GLY A 369 24.64 -6.36 2.53
CA GLY A 369 23.89 -5.13 2.78
C GLY A 369 24.70 -4.24 3.72
N VAL A 370 24.36 -2.95 3.76
CA VAL A 370 25.02 -2.01 4.66
C VAL A 370 24.00 -1.05 5.27
N SER A 371 24.05 -0.93 6.60
CA SER A 371 23.37 0.15 7.29
C SER A 371 24.44 0.93 8.07
N TYR A 372 24.71 2.14 7.60
CA TYR A 372 25.72 3.01 8.19
C TYR A 372 25.26 3.50 9.57
N TRP A 373 26.17 3.51 10.55
CA TRP A 373 25.90 4.05 11.88
C TRP A 373 26.38 5.51 11.92
N SER A 374 25.49 6.51 11.89
CA SER A 374 24.04 6.38 11.87
C SER A 374 23.49 7.63 11.16
N SER A 375 22.17 7.73 11.07
CA SER A 375 21.54 8.89 10.45
C SER A 375 21.52 10.12 11.37
N ASP A 376 21.89 9.94 12.64
CA ASP A 376 21.78 11.03 13.63
C ASP A 376 22.60 12.24 13.22
N PRO A 377 22.10 13.46 13.53
CA PRO A 377 22.90 14.65 13.20
C PRO A 377 24.25 14.66 13.89
N GLY A 378 25.27 15.12 13.16
CA GLY A 378 26.64 15.18 13.67
C GLY A 378 27.65 14.78 12.61
N PRO A 379 28.95 14.97 12.92
CA PRO A 379 30.02 14.70 11.95
C PRO A 379 30.20 13.22 11.56
N TRP A 380 29.58 12.31 12.32
CA TRP A 380 29.53 10.90 11.90
C TRP A 380 28.49 10.70 10.80
N GLY A 381 27.44 11.52 10.84
CA GLY A 381 26.23 11.30 10.04
C GLY A 381 26.24 11.96 8.68
N PRO A 382 25.16 11.81 7.92
CA PRO A 382 25.08 12.45 6.61
C PRO A 382 24.84 13.96 6.67
N TYR A 383 24.28 14.45 7.78
CA TYR A 383 24.00 15.88 7.98
C TYR A 383 24.50 16.34 9.35
N LEU A 384 25.01 17.57 9.41
CA LEU A 384 25.29 18.23 10.69
C LEU A 384 23.96 18.72 11.26
N PRO A 385 23.94 19.05 12.58
CA PRO A 385 22.68 19.45 13.23
C PRO A 385 21.87 20.54 12.52
N ASP A 386 22.54 21.49 11.87
CA ASP A 386 21.85 22.55 11.13
C ASP A 386 21.39 22.14 9.71
N GLY A 387 21.53 20.86 9.38
CA GLY A 387 21.09 20.33 8.09
C GLY A 387 22.14 20.34 6.98
N THR A 388 23.34 20.83 7.29
CA THR A 388 24.41 20.90 6.29
C THR A 388 24.94 19.49 6.01
N GLN A 389 25.14 19.19 4.73
CA GLN A 389 25.64 17.86 4.32
C GLN A 389 27.08 17.67 4.75
N THR A 390 27.39 16.48 5.24
CA THR A 390 28.77 16.06 5.47
C THR A 390 29.29 15.37 4.22
N LEU A 391 30.53 14.92 4.29
CA LEU A 391 31.19 14.17 3.24
C LEU A 391 30.41 12.90 2.83
N LEU A 392 29.60 12.39 3.75
CA LEU A 392 28.89 11.13 3.55
C LEU A 392 27.95 11.18 2.35
N VAL A 393 27.25 12.29 2.16
CA VAL A 393 26.25 12.38 1.11
C VAL A 393 26.82 12.13 -0.29
N ASP A 394 27.84 12.89 -0.70
CA ASP A 394 28.44 12.69 -2.04
C ASP A 394 29.15 11.33 -2.14
N THR A 395 29.66 10.83 -1.02
CA THR A 395 30.32 9.53 -0.98
C THR A 395 29.33 8.38 -1.21
N LEU A 396 28.17 8.44 -0.54
CA LEU A 396 27.15 7.40 -0.62
C LEU A 396 26.28 7.51 -1.86
N ASN A 397 26.16 8.71 -2.43
CA ASN A 397 25.23 8.96 -3.53
C ASN A 397 25.77 8.45 -4.86
N LYS A 398 25.80 7.13 -4.99
CA LYS A 398 26.32 6.48 -6.20
C LYS A 398 25.26 5.56 -6.79
N PRO A 399 25.34 5.30 -8.12
CA PRO A 399 24.39 4.30 -8.67
C PRO A 399 24.60 2.92 -8.07
N TYR A 400 23.51 2.20 -7.84
CA TYR A 400 23.61 0.81 -7.42
C TYR A 400 22.38 0.02 -7.88
N PRO A 401 22.53 -1.30 -8.03
CA PRO A 401 21.36 -2.15 -8.23
C PRO A 401 20.66 -2.35 -6.90
N ARG A 402 19.36 -2.09 -6.85
CA ARG A 402 18.56 -2.26 -5.63
C ARG A 402 18.01 -3.68 -5.52
N ALA A 403 17.43 -4.16 -6.61
CA ALA A 403 16.80 -5.48 -6.63
C ALA A 403 17.06 -6.11 -8.00
N VAL A 404 17.76 -7.23 -8.02
CA VAL A 404 18.25 -7.82 -9.26
C VAL A 404 17.47 -9.08 -9.60
N ALA A 405 17.09 -9.19 -10.86
CA ALA A 405 16.39 -10.36 -11.41
C ALA A 405 17.41 -11.46 -11.72
N GLY A 406 17.91 -12.10 -10.66
CA GLY A 406 19.01 -13.05 -10.74
C GLY A 406 20.09 -12.68 -9.74
N THR A 407 21.14 -13.48 -9.68
CA THR A 407 22.23 -13.25 -8.75
C THR A 407 23.23 -12.28 -9.35
N PRO A 408 23.46 -11.13 -8.69
CA PRO A 408 24.50 -10.24 -9.18
C PRO A 408 25.89 -10.82 -8.89
N THR A 409 26.63 -11.17 -9.93
CA THR A 409 27.93 -11.81 -9.79
C THR A 409 29.05 -10.79 -9.57
N GLU A 410 28.87 -9.62 -10.16
CA GLU A 410 29.82 -8.52 -10.08
C GLU A 410 29.14 -7.24 -10.51
N TRP A 411 29.49 -6.13 -9.89
CA TRP A 411 29.06 -4.82 -10.38
C TRP A 411 30.02 -3.73 -9.95
N SER A 412 29.88 -2.57 -10.58
CA SER A 412 30.71 -1.41 -10.28
C SER A 412 29.94 -0.17 -10.67
N SER A 413 30.27 0.94 -10.04
CA SER A 413 29.65 2.19 -10.38
C SER A 413 30.55 3.36 -10.06
N THR A 414 30.37 4.39 -10.87
CA THR A 414 30.98 5.69 -10.68
C THR A 414 29.83 6.69 -10.75
N SER A 415 30.13 7.99 -10.65
CA SER A 415 29.10 9.04 -10.69
C SER A 415 28.19 9.00 -11.92
N ASP A 416 28.73 8.55 -13.06
CA ASP A 416 27.98 8.52 -14.33
C ASP A 416 28.07 7.19 -15.08
N ARG A 417 28.24 6.09 -14.35
CA ARG A 417 28.27 4.79 -14.97
C ARG A 417 27.94 3.70 -13.94
N LEU A 418 27.14 2.72 -14.37
CA LEU A 418 26.93 1.49 -13.62
C LEU A 418 27.08 0.29 -14.56
N GLN A 419 27.76 -0.75 -14.10
CA GLN A 419 27.85 -1.99 -14.83
C GLN A 419 27.54 -3.13 -13.88
N LEU A 420 26.75 -4.08 -14.34
CA LEU A 420 26.23 -5.16 -13.51
C LEU A 420 26.18 -6.44 -14.33
N THR A 421 26.72 -7.51 -13.77
CA THR A 421 26.62 -8.84 -14.39
C THR A 421 25.67 -9.70 -13.57
N ILE A 422 24.74 -10.35 -14.28
CA ILE A 422 23.65 -11.09 -13.66
C ILE A 422 23.71 -12.55 -14.08
N GLU A 423 23.64 -13.43 -13.09
CA GLU A 423 23.43 -14.85 -13.30
C GLU A 423 21.92 -15.06 -13.37
N PRO A 424 21.41 -15.43 -14.56
CA PRO A 424 19.97 -15.35 -14.80
C PRO A 424 19.12 -16.36 -14.03
N ASP A 425 17.84 -16.03 -13.88
CA ASP A 425 16.85 -16.88 -13.21
C ASP A 425 15.54 -16.71 -13.98
N ALA A 426 15.15 -17.72 -14.77
CA ALA A 426 13.99 -17.63 -15.66
C ALA A 426 12.66 -17.44 -14.91
N ALA A 427 12.63 -17.87 -13.65
CA ALA A 427 11.42 -17.81 -12.84
C ALA A 427 11.03 -16.39 -12.43
N ILE A 428 11.99 -15.48 -12.45
CA ILE A 428 11.76 -14.08 -12.07
C ILE A 428 11.18 -13.31 -13.25
N THR A 429 10.02 -12.71 -13.04
CA THR A 429 9.34 -11.92 -14.06
C THR A 429 9.48 -10.41 -13.83
N ALA A 430 9.80 -10.00 -12.59
CA ALA A 430 9.98 -8.59 -12.25
C ALA A 430 11.30 -8.08 -12.82
N PRO A 431 11.36 -6.79 -13.20
CA PRO A 431 12.60 -6.29 -13.78
C PRO A 431 13.68 -6.04 -12.73
N THR A 432 14.91 -5.94 -13.19
CA THR A 432 15.99 -5.44 -12.36
C THR A 432 15.79 -3.94 -12.13
N GLU A 433 15.91 -3.55 -10.87
CA GLU A 433 15.64 -2.18 -10.42
C GLU A 433 16.94 -1.55 -9.93
N ILE A 434 17.24 -0.37 -10.46
CA ILE A 434 18.54 0.30 -10.28
C ILE A 434 18.33 1.76 -9.93
N TYR A 435 19.12 2.24 -8.97
CA TYR A 435 19.15 3.64 -8.60
C TYR A 435 20.19 4.40 -9.41
N LEU A 436 19.78 5.52 -10.01
CA LEU A 436 20.69 6.39 -10.74
C LEU A 436 20.56 7.82 -10.20
N PRO A 437 21.65 8.38 -9.63
CA PRO A 437 21.61 9.75 -9.13
C PRO A 437 21.48 10.78 -10.25
N GLU A 438 20.77 11.87 -9.98
CA GLU A 438 20.55 12.92 -10.99
C GLU A 438 21.81 13.68 -11.39
N ALA A 439 22.74 13.87 -10.45
CA ALA A 439 24.00 14.58 -10.75
C ALA A 439 24.68 14.00 -11.98
N GLY A 440 24.83 12.68 -12.02
CA GLY A 440 25.43 11.98 -13.16
C GLY A 440 24.49 11.66 -14.31
N PHE A 441 23.20 11.52 -14.02
CA PHE A 441 22.19 11.14 -15.01
C PHE A 441 21.08 12.19 -15.04
N PRO A 442 21.39 13.40 -15.57
CA PRO A 442 20.44 14.51 -15.56
C PRO A 442 19.27 14.40 -16.56
N GLY A 443 19.38 13.49 -17.53
CA GLY A 443 18.32 13.31 -18.53
C GLY A 443 17.92 11.85 -18.68
N ASP A 444 18.08 11.33 -19.89
CA ASP A 444 17.74 9.95 -20.23
C ASP A 444 18.94 9.01 -20.05
N VAL A 445 18.70 7.72 -20.21
CA VAL A 445 19.71 6.69 -20.02
C VAL A 445 20.08 6.07 -21.35
N HIS A 446 21.33 5.60 -21.42
CA HIS A 446 21.77 4.72 -22.48
C HIS A 446 22.10 3.39 -21.85
N VAL A 447 21.46 2.32 -22.32
CA VAL A 447 21.62 0.99 -21.73
C VAL A 447 22.03 -0.06 -22.77
N GLU A 448 23.16 -0.71 -22.50
CA GLU A 448 23.63 -1.83 -23.31
C GLU A 448 23.44 -3.12 -22.52
N GLY A 449 22.95 -4.17 -23.18
CA GLY A 449 22.81 -5.48 -22.55
C GLY A 449 21.48 -5.76 -21.90
N ALA A 450 20.57 -4.79 -21.95
CA ALA A 450 19.23 -4.94 -21.39
C ALA A 450 18.26 -4.01 -22.12
N ASP A 451 16.97 -4.33 -22.04
CA ASP A 451 15.91 -3.45 -22.54
C ASP A 451 15.39 -2.61 -21.38
N VAL A 452 15.23 -1.32 -21.62
CA VAL A 452 14.69 -0.40 -20.62
C VAL A 452 13.19 -0.63 -20.53
N VAL A 453 12.73 -0.95 -19.33
CA VAL A 453 11.30 -1.14 -19.07
C VAL A 453 10.66 0.17 -18.61
N GLY A 454 11.33 0.87 -17.71
CA GLY A 454 10.89 2.17 -17.26
C GLY A 454 12.07 2.95 -16.73
N TRP A 455 12.01 4.27 -16.87
CA TRP A 455 12.99 5.16 -16.30
C TRP A 455 12.24 6.30 -15.61
N ASP A 456 12.15 6.20 -14.29
CA ASP A 456 11.46 7.20 -13.47
C ASP A 456 12.48 8.23 -13.00
N ARG A 457 12.42 9.43 -13.59
CA ARG A 457 13.38 10.48 -13.32
C ARG A 457 13.10 11.22 -12.01
N GLN A 458 11.94 10.96 -11.42
CA GLN A 458 11.55 11.53 -10.13
CA GLN A 458 11.61 11.55 -10.13
C GLN A 458 12.04 10.63 -8.99
N SER A 459 11.62 9.37 -9.02
CA SER A 459 12.05 8.39 -8.00
C SER A 459 13.48 7.91 -8.21
N ARG A 460 14.03 8.20 -9.40
CA ARG A 460 15.41 7.83 -9.78
C ARG A 460 15.58 6.31 -9.96
N LEU A 461 14.48 5.61 -10.26
CA LEU A 461 14.53 4.16 -10.45
C LEU A 461 14.45 3.79 -11.94
N LEU A 462 15.51 3.16 -12.42
CA LEU A 462 15.54 2.54 -13.74
C LEU A 462 15.15 1.08 -13.60
N THR A 463 14.25 0.61 -14.47
CA THR A 463 13.92 -0.80 -14.49
C THR A 463 14.30 -1.37 -15.86
N VAL A 464 14.99 -2.51 -15.85
CA VAL A 464 15.45 -3.15 -17.08
C VAL A 464 15.11 -4.64 -17.12
N ARG A 465 15.08 -5.18 -18.34
CA ARG A 465 14.79 -6.58 -18.55
C ARG A 465 15.92 -7.24 -19.34
N THR A 466 16.34 -8.40 -18.85
CA THR A 466 17.44 -9.17 -19.43
C THR A 466 16.98 -10.60 -19.77
N PRO A 467 17.58 -11.20 -20.82
CA PRO A 467 17.25 -12.60 -21.12
C PRO A 467 17.70 -13.55 -20.03
N ALA A 468 16.97 -14.65 -19.86
CA ALA A 468 17.32 -15.65 -18.87
C ALA A 468 17.86 -16.95 -19.51
N ASP A 469 18.00 -16.96 -20.83
CA ASP A 469 18.39 -18.17 -21.56
C ASP A 469 19.67 -18.03 -22.38
N SER A 470 20.52 -17.06 -22.01
CA SER A 470 21.75 -16.76 -22.75
C SER A 470 22.99 -16.67 -21.85
N GLY A 471 22.96 -17.37 -20.72
CA GLY A 471 24.03 -17.30 -19.74
C GLY A 471 24.05 -15.96 -18.99
N ASN A 472 25.19 -15.67 -18.37
CA ASN A 472 25.35 -14.44 -17.58
C ASN A 472 25.28 -13.21 -18.48
N VAL A 473 24.53 -12.21 -18.04
CA VAL A 473 24.30 -11.00 -18.82
C VAL A 473 24.94 -9.80 -18.14
N THR A 474 25.69 -9.00 -18.89
CA THR A 474 26.28 -7.76 -18.40
C THR A 474 25.51 -6.55 -18.94
N VAL A 475 24.96 -5.78 -17.99
CA VAL A 475 24.22 -4.55 -18.27
C VAL A 475 25.09 -3.34 -17.97
N THR A 476 25.20 -2.42 -18.92
CA THR A 476 25.98 -1.20 -18.74
C THR A 476 25.08 0.01 -18.97
N VAL A 477 25.04 0.91 -17.97
CA VAL A 477 24.19 2.09 -17.97
C VAL A 477 25.04 3.36 -17.90
N THR A 478 24.82 4.27 -18.86
CA THR A 478 25.53 5.53 -18.98
C THR A 478 24.51 6.62 -19.32
N PRO A 479 24.91 7.91 -19.19
CA PRO A 479 23.94 8.97 -19.49
C PRO A 479 23.71 9.08 -21.00
N ALA A 480 22.51 9.45 -21.41
CA ALA A 480 22.22 9.68 -22.82
C ALA A 480 23.04 10.85 -23.34
N ALA A 481 23.39 10.80 -24.61
CA ALA A 481 24.21 11.84 -25.23
C ALA A 481 23.49 13.18 -25.19
N PRO B 34 -15.79 17.64 -19.73
CA PRO B 34 -16.23 16.90 -18.53
C PRO B 34 -15.38 17.16 -17.30
N SER B 35 -16.00 16.95 -16.14
CA SER B 35 -15.34 17.02 -14.86
C SER B 35 -15.09 15.61 -14.35
N TYR B 36 -13.99 15.45 -13.60
CA TYR B 36 -13.59 14.16 -13.09
C TYR B 36 -13.40 14.19 -11.57
N LEU B 37 -13.68 13.05 -10.93
CA LEU B 37 -13.20 12.78 -9.58
C LEU B 37 -11.67 12.70 -9.65
N LYS B 38 -11.00 13.09 -8.57
CA LYS B 38 -9.54 13.11 -8.54
C LYS B 38 -9.04 12.26 -7.39
N ASP B 39 -7.88 11.63 -7.58
CA ASP B 39 -7.24 10.93 -6.47
C ASP B 39 -6.41 11.93 -5.68
N ASP B 40 -5.70 11.46 -4.66
CA ASP B 40 -4.95 12.36 -3.77
C ASP B 40 -3.71 13.01 -4.41
N ASP B 41 -3.29 12.50 -5.57
CA ASP B 41 -2.21 13.10 -6.35
C ASP B 41 -2.75 14.15 -7.32
N GLY B 42 -4.08 14.31 -7.36
CA GLY B 42 -4.74 15.25 -8.25
C GLY B 42 -4.98 14.70 -9.65
N ARG B 43 -4.84 13.38 -9.83
CA ARG B 43 -5.06 12.74 -11.12
C ARG B 43 -6.55 12.53 -11.37
N SER B 44 -6.94 12.65 -12.63
CA SER B 44 -8.35 12.51 -13.05
C SER B 44 -8.68 11.03 -13.23
N LEU B 45 -9.77 10.60 -12.61
CA LEU B 45 -10.06 9.16 -12.52
C LEU B 45 -11.04 8.72 -13.58
N ILE B 46 -10.64 7.72 -14.37
CA ILE B 46 -11.58 7.05 -15.27
C ILE B 46 -11.94 5.71 -14.63
N LEU B 47 -13.21 5.59 -14.22
CA LEU B 47 -13.66 4.51 -13.34
C LEU B 47 -14.42 3.43 -14.11
N ARG B 48 -13.98 2.18 -13.99
CA ARG B 48 -14.56 1.05 -14.72
C ARG B 48 -14.71 -0.18 -13.85
N GLY B 49 -15.95 -0.60 -13.64
CA GLY B 49 -16.17 -1.78 -12.82
C GLY B 49 -17.60 -2.29 -12.80
N PHE B 50 -17.96 -2.93 -11.70
CA PHE B 50 -19.28 -3.57 -11.53
C PHE B 50 -20.01 -3.10 -10.29
N ASN B 51 -21.33 -3.33 -10.29
CA ASN B 51 -22.12 -3.36 -9.07
C ASN B 51 -21.91 -4.71 -8.41
N THR B 52 -21.46 -4.69 -7.16
CA THR B 52 -21.19 -5.92 -6.42
C THR B 52 -21.84 -5.81 -5.04
N ALA B 53 -22.93 -6.53 -4.79
CA ALA B 53 -23.61 -7.40 -5.75
C ALA B 53 -25.07 -7.54 -5.32
N SER B 54 -25.92 -7.98 -6.25
CA SER B 54 -27.34 -8.23 -5.96
C SER B 54 -27.53 -9.27 -4.85
N SER B 55 -26.65 -10.26 -4.78
CA SER B 55 -26.72 -11.29 -3.72
C SER B 55 -26.72 -10.72 -2.30
N ALA B 56 -26.14 -9.53 -2.14
CA ALA B 56 -26.12 -8.85 -0.85
C ALA B 56 -27.51 -8.39 -0.37
N LYS B 57 -28.45 -8.22 -1.30
CA LYS B 57 -29.76 -7.64 -0.99
C LYS B 57 -30.50 -8.40 0.09
N SER B 58 -30.52 -9.73 -0.05
CA SER B 58 -31.27 -10.61 0.86
C SER B 58 -30.37 -11.42 1.80
N ALA B 59 -29.06 -11.30 1.67
CA ALA B 59 -28.11 -12.01 2.55
C ALA B 59 -28.25 -11.53 4.00
N PRO B 60 -28.55 -12.44 4.95
CA PRO B 60 -28.69 -12.01 6.36
C PRO B 60 -27.55 -11.14 6.91
N ASP B 61 -26.30 -11.48 6.58
CA ASP B 61 -25.13 -10.68 7.03
C ASP B 61 -24.81 -9.48 6.13
N GLY B 62 -25.67 -9.20 5.14
CA GLY B 62 -25.54 -7.98 4.34
C GLY B 62 -24.43 -8.00 3.30
N MET B 63 -23.78 -9.15 3.15
CA MET B 63 -22.63 -9.29 2.26
CA MET B 63 -22.64 -9.25 2.25
C MET B 63 -22.99 -10.02 0.98
N PRO B 64 -22.38 -9.63 -0.15
CA PRO B 64 -22.60 -10.38 -1.37
C PRO B 64 -21.93 -11.75 -1.31
N GLN B 65 -22.46 -12.70 -2.08
CA GLN B 65 -21.79 -13.96 -2.35
C GLN B 65 -20.75 -13.74 -3.45
N PHE B 66 -19.70 -13.07 -3.05
CA PHE B 66 -18.61 -12.66 -3.91
C PHE B 66 -17.42 -12.73 -2.98
N THR B 67 -16.38 -13.45 -3.40
CA THR B 67 -15.22 -13.71 -2.57
C THR B 67 -14.01 -12.95 -3.10
N GLU B 68 -12.94 -12.95 -2.31
CA GLU B 68 -11.67 -12.37 -2.75
C GLU B 68 -11.15 -13.08 -4.00
N ALA B 69 -11.39 -14.39 -4.09
CA ALA B 69 -11.01 -15.16 -5.26
C ALA B 69 -11.77 -14.69 -6.50
N ASP B 70 -13.05 -14.34 -6.33
CA ASP B 70 -13.83 -13.79 -7.42
C ASP B 70 -13.26 -12.45 -7.88
N LEU B 71 -12.85 -11.60 -6.94
CA LEU B 71 -12.22 -10.31 -7.27
C LEU B 71 -10.91 -10.49 -8.04
N ALA B 72 -10.07 -11.43 -7.59
CA ALA B 72 -8.84 -11.77 -8.30
C ALA B 72 -9.13 -12.16 -9.75
N ARG B 73 -10.17 -12.96 -9.94
CA ARG B 73 -10.62 -13.36 -11.27
C ARG B 73 -11.10 -12.15 -12.09
N GLU B 74 -11.93 -11.32 -11.49
CA GLU B 74 -12.42 -10.11 -12.16
C GLU B 74 -11.24 -9.25 -12.63
N TYR B 75 -10.32 -8.99 -11.71
CA TYR B 75 -9.17 -8.14 -12.03
C TYR B 75 -8.31 -8.73 -13.15
N ALA B 76 -8.05 -10.04 -13.07
CA ALA B 76 -7.23 -10.77 -14.04
C ALA B 76 -7.85 -10.78 -15.43
N ASP B 77 -9.17 -10.94 -15.49
CA ASP B 77 -9.89 -11.08 -16.74
C ASP B 77 -10.25 -9.74 -17.40
N MET B 78 -10.46 -8.69 -16.60
CA MET B 78 -10.96 -7.39 -17.11
C MET B 78 -10.22 -6.12 -16.64
N GLY B 79 -9.32 -6.24 -15.66
CA GLY B 79 -8.53 -5.10 -15.18
C GLY B 79 -9.34 -3.92 -14.69
N THR B 80 -10.44 -4.19 -14.00
CA THR B 80 -11.32 -3.15 -13.48
C THR B 80 -10.67 -2.37 -12.35
N ASN B 81 -11.11 -1.12 -12.16
CA ASN B 81 -10.56 -0.24 -11.12
C ASN B 81 -11.60 0.41 -10.22
N PHE B 82 -12.84 -0.04 -10.33
CA PHE B 82 -13.98 0.59 -9.65
C PHE B 82 -14.96 -0.47 -9.18
N VAL B 83 -15.66 -0.17 -8.09
CA VAL B 83 -16.79 -0.97 -7.66
C VAL B 83 -17.85 -0.07 -7.07
N ARG B 84 -19.11 -0.38 -7.39
CA ARG B 84 -20.27 0.19 -6.71
C ARG B 84 -20.71 -0.92 -5.76
N PHE B 85 -20.30 -0.79 -4.51
CA PHE B 85 -20.48 -1.84 -3.54
C PHE B 85 -21.78 -1.61 -2.78
N LEU B 86 -22.69 -2.58 -2.84
CA LEU B 86 -24.00 -2.41 -2.21
C LEU B 86 -23.92 -2.58 -0.68
N ILE B 87 -24.29 -1.53 0.03
CA ILE B 87 -24.60 -1.60 1.44
C ILE B 87 -26.09 -1.33 1.63
N SER B 88 -26.56 -1.37 2.87
CA SER B 88 -28.00 -1.29 3.15
C SER B 88 -28.27 -0.64 4.48
N TRP B 89 -29.34 0.15 4.52
CA TRP B 89 -29.76 0.83 5.72
C TRP B 89 -30.12 -0.18 6.81
N ARG B 90 -30.80 -1.26 6.42
CA ARG B 90 -31.17 -2.32 7.36
C ARG B 90 -29.98 -2.99 8.04
N SER B 91 -28.87 -3.16 7.30
CA SER B 91 -27.62 -3.69 7.89
C SER B 91 -26.87 -2.61 8.70
N VAL B 92 -26.89 -1.37 8.23
CA VAL B 92 -26.21 -0.26 8.92
C VAL B 92 -26.90 0.09 10.25
N GLU B 93 -28.23 0.09 10.24
CA GLU B 93 -29.01 0.48 11.40
C GLU B 93 -30.15 -0.52 11.64
N PRO B 94 -29.81 -1.72 12.14
CA PRO B 94 -30.79 -2.79 12.28
C PRO B 94 -31.85 -2.53 13.36
N ALA B 95 -31.56 -1.60 14.27
CA ALA B 95 -32.52 -1.14 15.25
C ALA B 95 -32.36 0.37 15.34
N PRO B 96 -33.43 1.11 15.69
CA PRO B 96 -33.36 2.57 15.66
C PRO B 96 -32.23 3.11 16.53
N GLY B 97 -31.37 3.94 15.93
CA GLY B 97 -30.32 4.65 16.66
C GLY B 97 -29.09 3.83 17.02
N VAL B 98 -29.05 2.57 16.58
CA VAL B 98 -27.98 1.64 16.89
C VAL B 98 -27.32 1.11 15.62
N TYR B 99 -26.05 1.42 15.44
CA TYR B 99 -25.30 1.01 14.25
C TYR B 99 -24.54 -0.29 14.48
N ASP B 100 -24.55 -1.14 13.47
CA ASP B 100 -23.88 -2.42 13.55
C ASP B 100 -22.42 -2.24 13.10
N GLN B 101 -21.52 -2.13 14.07
CA GLN B 101 -20.11 -1.89 13.77
C GLN B 101 -19.46 -3.16 13.25
N GLN B 102 -20.09 -4.30 13.54
CA GLN B 102 -19.66 -5.58 13.03
C GLN B 102 -19.99 -5.72 11.54
N TYR B 103 -21.12 -5.16 11.11
CA TYR B 103 -21.46 -5.11 9.70
C TYR B 103 -20.43 -4.27 8.94
N LEU B 104 -20.14 -3.10 9.48
CA LEU B 104 -19.15 -2.21 8.91
C LEU B 104 -17.74 -2.81 8.85
N ASP B 105 -17.41 -3.68 9.81
CA ASP B 105 -16.15 -4.45 9.78
C ASP B 105 -16.14 -5.36 8.55
N ARG B 106 -17.26 -6.04 8.31
CA ARG B 106 -17.37 -6.89 7.14
C ARG B 106 -17.28 -6.07 5.85
N VAL B 107 -17.89 -4.87 5.85
CA VAL B 107 -17.80 -3.97 4.68
C VAL B 107 -16.33 -3.54 4.46
N GLU B 108 -15.63 -3.21 5.55
CA GLU B 108 -14.22 -2.80 5.50
C GLU B 108 -13.33 -3.94 5.00
N ASP B 109 -13.59 -5.15 5.49
CA ASP B 109 -12.89 -6.33 5.03
C ASP B 109 -12.98 -6.46 3.51
N ARG B 110 -14.18 -6.32 2.97
CA ARG B 110 -14.38 -6.36 1.52
C ARG B 110 -13.69 -5.21 0.79
N VAL B 111 -13.79 -4.00 1.35
CA VAL B 111 -13.11 -2.84 0.78
C VAL B 111 -11.58 -3.00 0.75
N GLY B 112 -11.03 -3.70 1.76
CA GLY B 112 -9.62 -4.07 1.75
C GLY B 112 -9.22 -4.97 0.60
N TRP B 113 -10.11 -5.86 0.17
CA TRP B 113 -9.82 -6.69 -1.00
C TRP B 113 -9.63 -5.79 -2.21
N TYR B 114 -10.51 -4.78 -2.31
CA TYR B 114 -10.48 -3.79 -3.39
C TYR B 114 -9.26 -2.89 -3.31
N ALA B 115 -8.97 -2.40 -2.10
CA ALA B 115 -7.83 -1.50 -1.84
C ALA B 115 -6.51 -2.14 -2.26
N GLU B 116 -6.34 -3.42 -1.93
CA GLU B 116 -5.14 -4.18 -2.25
C GLU B 116 -4.88 -4.30 -3.75
N ARG B 117 -5.94 -4.33 -4.56
CA ARG B 117 -5.81 -4.48 -6.00
C ARG B 117 -6.00 -3.16 -6.77
N GLY B 118 -5.89 -2.04 -6.05
CA GLY B 118 -5.85 -0.71 -6.64
C GLY B 118 -7.21 -0.13 -7.01
N TYR B 119 -8.29 -0.74 -6.51
CA TYR B 119 -9.64 -0.27 -6.80
C TYR B 119 -10.02 0.98 -6.01
N LYS B 120 -10.90 1.76 -6.61
CA LYS B 120 -11.66 2.80 -5.92
C LYS B 120 -13.08 2.26 -5.69
N VAL B 121 -13.66 2.59 -4.55
CA VAL B 121 -14.95 2.04 -4.13
C VAL B 121 -15.97 3.16 -4.01
N MET B 122 -17.16 2.93 -4.56
CA MET B 122 -18.32 3.78 -4.23
C MET B 122 -19.29 2.95 -3.39
N LEU B 123 -19.66 3.46 -2.22
CA LEU B 123 -20.63 2.77 -1.36
C LEU B 123 -22.05 3.24 -1.68
N ASP B 124 -22.89 2.28 -2.07
CA ASP B 124 -24.26 2.49 -2.51
C ASP B 124 -25.24 2.04 -1.39
N MET B 125 -25.90 3.02 -0.76
CA MET B 125 -27.00 2.73 0.16
C MET B 125 -28.20 2.27 -0.67
N HIS B 126 -28.30 0.96 -0.83
CA HIS B 126 -29.15 0.34 -1.82
C HIS B 126 -30.52 -0.02 -1.28
N GLN B 127 -31.55 0.26 -2.07
CA GLN B 127 -32.90 -0.24 -1.85
C GLN B 127 -33.53 -0.54 -3.21
N ASP B 128 -34.45 -1.51 -3.21
CA ASP B 128 -35.47 -1.67 -4.27
C ASP B 128 -36.79 -2.01 -3.59
N VAL B 129 -37.85 -1.31 -3.97
CA VAL B 129 -39.19 -1.50 -3.38
C VAL B 129 -39.15 -1.32 -1.85
N TYR B 130 -38.41 -0.27 -1.44
CA TYR B 130 -38.25 0.20 -0.06
C TYR B 130 -37.53 -0.75 0.92
N SER B 131 -38.01 -1.98 1.04
CA SER B 131 -37.57 -2.86 2.13
C SER B 131 -38.00 -4.30 1.92
N GLY B 132 -37.32 -5.22 2.60
CA GLY B 132 -37.73 -6.61 2.63
C GLY B 132 -39.01 -6.81 3.44
N ALA B 133 -39.33 -5.84 4.29
CA ALA B 133 -40.49 -5.93 5.18
C ALA B 133 -41.85 -5.69 4.49
N ILE B 134 -41.84 -5.37 3.20
CA ILE B 134 -43.08 -4.99 2.50
C ILE B 134 -44.03 -6.18 2.31
N THR B 135 -43.48 -7.40 2.41
CA THR B 135 -44.26 -8.62 2.50
C THR B 135 -43.70 -9.49 3.64
N PRO B 136 -44.49 -10.45 4.16
CA PRO B 136 -43.97 -11.36 5.19
C PRO B 136 -42.99 -12.38 4.65
N ILE B 147 -39.19 -9.56 -1.54
CA ILE B 147 -39.48 -8.83 -2.77
C ILE B 147 -38.62 -7.58 -2.83
N GLY B 148 -38.71 -6.75 -1.80
CA GLY B 148 -37.92 -5.55 -1.69
C GLY B 148 -36.67 -5.76 -0.85
N ASN B 149 -35.92 -4.67 -0.67
CA ASN B 149 -34.71 -4.63 0.13
C ASN B 149 -34.35 -3.19 0.42
N GLY B 150 -33.67 -2.97 1.55
CA GLY B 150 -33.10 -1.67 1.84
C GLY B 150 -33.33 -1.24 3.27
N ALA B 151 -34.50 -0.68 3.52
CA ALA B 151 -34.80 -0.11 4.83
C ALA B 151 -35.05 -1.24 5.84
N PRO B 152 -34.72 -0.98 7.11
CA PRO B 152 -35.05 -1.97 8.14
C PRO B 152 -36.56 -2.05 8.36
N ALA B 153 -37.01 -3.19 8.87
CA ALA B 153 -38.41 -3.42 9.21
C ALA B 153 -38.98 -2.29 10.07
N TRP B 154 -38.21 -1.82 11.05
CA TRP B 154 -38.68 -0.75 11.93
C TRP B 154 -38.89 0.58 11.20
N ALA B 155 -38.25 0.74 10.05
CA ALA B 155 -38.40 1.92 9.21
C ALA B 155 -39.55 1.80 8.19
N THR B 156 -40.19 0.63 8.14
CA THR B 156 -41.23 0.35 7.16
C THR B 156 -42.64 0.50 7.78
N TYR B 157 -43.38 1.52 7.35
CA TYR B 157 -44.72 1.81 7.85
C TYR B 157 -45.74 1.77 6.70
N MET B 158 -46.39 0.62 6.53
CA MET B 158 -47.40 0.44 5.49
C MET B 158 -48.82 0.76 5.99
N ASP B 159 -48.95 0.96 7.29
CA ASP B 159 -50.22 1.35 7.93
C ASP B 159 -51.38 0.43 7.59
N GLY B 160 -51.08 -0.87 7.47
CA GLY B 160 -52.09 -1.88 7.17
C GLY B 160 -52.59 -1.90 5.73
N LEU B 161 -52.02 -1.07 4.85
CA LEU B 161 -52.44 -1.04 3.44
C LEU B 161 -51.83 -2.23 2.71
N PRO B 162 -52.58 -2.84 1.77
CA PRO B 162 -52.19 -4.09 1.12
C PRO B 162 -50.95 -4.05 0.22
N VAL B 163 -50.27 -5.20 0.15
CA VAL B 163 -49.25 -5.46 -0.85
C VAL B 163 -49.48 -6.87 -1.37
N GLU B 164 -50.47 -7.01 -2.25
CA GLU B 164 -50.86 -8.30 -2.80
C GLU B 164 -49.82 -8.76 -3.83
N PRO B 165 -49.73 -10.08 -4.05
CA PRO B 165 -48.79 -10.61 -5.04
C PRO B 165 -49.01 -10.04 -6.43
N GLN B 166 -47.92 -9.73 -7.14
CA GLN B 166 -47.96 -9.20 -8.49
C GLN B 166 -47.16 -10.10 -9.43
N PRO B 167 -47.48 -10.09 -10.73
CA PRO B 167 -46.80 -10.95 -11.69
C PRO B 167 -45.36 -10.54 -12.03
N ARG B 168 -45.00 -9.29 -11.75
CA ARG B 168 -43.62 -8.80 -11.92
C ARG B 168 -43.21 -7.97 -10.70
N TRP B 169 -41.94 -8.07 -10.29
CA TRP B 169 -41.49 -7.43 -9.06
C TRP B 169 -41.63 -5.89 -9.12
N GLU B 170 -41.41 -5.33 -10.31
CA GLU B 170 -41.50 -3.89 -10.53
C GLU B 170 -42.87 -3.31 -10.16
N LEU B 171 -43.91 -4.12 -10.31
CA LEU B 171 -45.28 -3.69 -10.00
C LEU B 171 -45.55 -3.51 -8.50
N TYR B 172 -44.71 -4.09 -7.64
CA TYR B 172 -44.84 -3.92 -6.18
C TYR B 172 -44.62 -2.47 -5.74
N TYR B 173 -43.83 -1.72 -6.50
CA TYR B 173 -43.63 -0.29 -6.23
C TYR B 173 -44.92 0.53 -6.04
N ILE B 174 -45.97 0.19 -6.79
CA ILE B 174 -47.21 0.97 -6.80
C ILE B 174 -48.34 0.33 -6.00
N GLN B 175 -48.05 -0.72 -5.24
CA GLN B 175 -49.05 -1.29 -4.33
C GLN B 175 -49.29 -0.34 -3.17
N PRO B 176 -50.54 -0.28 -2.65
CA PRO B 176 -50.85 0.72 -1.62
C PRO B 176 -49.89 0.75 -0.43
N GLY B 177 -49.54 -0.42 0.09
CA GLY B 177 -48.61 -0.53 1.23
C GLY B 177 -47.23 0.02 0.95
N VAL B 178 -46.73 -0.25 -0.26
CA VAL B 178 -45.40 0.22 -0.67
C VAL B 178 -45.42 1.73 -0.86
N MET B 179 -46.42 2.22 -1.59
CA MET B 179 -46.61 3.65 -1.76
C MET B 179 -46.65 4.41 -0.41
N ARG B 180 -47.39 3.86 0.56
CA ARG B 180 -47.47 4.41 1.91
C ARG B 180 -46.11 4.38 2.65
N ALA B 181 -45.40 3.25 2.57
CA ALA B 181 -44.05 3.15 3.18
C ALA B 181 -43.14 4.28 2.68
N PHE B 182 -43.14 4.50 1.36
CA PHE B 182 -42.41 5.64 0.77
C PHE B 182 -42.94 7.02 1.20
N ASP B 183 -44.26 7.19 1.15
CA ASP B 183 -44.88 8.43 1.57
C ASP B 183 -44.56 8.73 3.03
N ASN B 184 -44.48 7.70 3.85
CA ASN B 184 -44.09 7.87 5.26
C ASN B 184 -42.60 8.23 5.37
N PHE B 185 -41.74 7.53 4.62
CA PHE B 185 -40.31 7.86 4.61
C PHE B 185 -40.02 9.31 4.23
N TRP B 186 -40.62 9.82 3.15
CA TRP B 186 -40.43 11.20 2.70
C TRP B 186 -41.23 12.20 3.54
N ASN B 187 -42.00 11.69 4.50
CA ASN B 187 -42.90 12.49 5.33
C ASN B 187 -43.95 13.29 4.55
N THR B 188 -44.36 12.73 3.41
CA THR B 188 -45.50 13.24 2.66
C THR B 188 -46.79 13.15 3.50
N THR B 189 -46.84 12.15 4.39
CA THR B 189 -47.97 11.95 5.29
C THR B 189 -47.94 12.89 6.50
N GLY B 190 -46.79 13.48 6.78
CA GLY B 190 -46.59 14.29 7.98
C GLY B 190 -46.40 13.48 9.26
N LYS B 191 -46.48 12.15 9.16
CA LYS B 191 -46.46 11.28 10.34
C LYS B 191 -45.07 10.80 10.75
N HIS B 192 -44.07 10.92 9.86
CA HIS B 192 -42.73 10.39 10.14
C HIS B 192 -41.60 11.33 9.72
N PRO B 193 -41.51 12.52 10.34
CA PRO B 193 -40.39 13.43 10.04
C PRO B 193 -39.02 12.89 10.48
N GLU B 194 -39.03 11.86 11.33
CA GLU B 194 -37.81 11.25 11.86
C GLU B 194 -37.06 10.36 10.85
N LEU B 195 -37.77 9.81 9.88
CA LEU B 195 -37.17 8.77 9.04
C LEU B 195 -35.96 9.29 8.24
N VAL B 196 -36.11 10.43 7.59
CA VAL B 196 -35.00 11.05 6.85
C VAL B 196 -33.83 11.41 7.77
N GLU B 197 -34.14 11.75 9.02
CA GLU B 197 -33.10 12.03 10.04
C GLU B 197 -32.30 10.77 10.35
N HIS B 198 -32.98 9.66 10.63
CA HIS B 198 -32.31 8.37 10.80
C HIS B 198 -31.40 8.05 9.61
N TYR B 199 -31.95 8.20 8.40
CA TYR B 199 -31.23 7.90 7.15
C TYR B 199 -29.92 8.69 7.05
N ALA B 200 -30.01 9.99 7.32
CA ALA B 200 -28.86 10.89 7.24
C ALA B 200 -27.78 10.56 8.27
N LYS B 201 -28.22 10.13 9.46
CA LYS B 201 -27.32 9.78 10.56
C LYS B 201 -26.76 8.37 10.40
N ALA B 202 -27.50 7.50 9.71
CA ALA B 202 -26.97 6.20 9.32
C ALA B 202 -25.82 6.40 8.31
N TRP B 203 -26.00 7.35 7.39
CA TRP B 203 -24.94 7.72 6.43
C TRP B 203 -23.70 8.33 7.12
N ARG B 204 -23.93 9.24 8.05
CA ARG B 204 -22.84 9.79 8.87
C ARG B 204 -22.02 8.69 9.53
N ALA B 205 -22.70 7.65 10.00
CA ALA B 205 -22.05 6.52 10.69
C ALA B 205 -21.13 5.76 9.74
N VAL B 206 -21.64 5.49 8.54
CA VAL B 206 -20.86 4.89 7.46
C VAL B 206 -19.66 5.77 7.11
N ALA B 207 -19.91 7.07 7.00
CA ALA B 207 -18.87 8.04 6.62
C ALA B 207 -17.82 8.19 7.72
N ASP B 208 -18.22 7.97 8.96
CA ASP B 208 -17.30 8.04 10.09
C ASP B 208 -16.30 6.90 10.04
N ARG B 209 -16.77 5.71 9.69
CA ARG B 209 -15.89 4.56 9.50
C ARG B 209 -14.96 4.69 8.29
N PHE B 210 -15.46 5.25 7.18
CA PHE B 210 -14.70 5.19 5.93
C PHE B 210 -14.01 6.48 5.48
N ALA B 211 -14.12 7.56 6.27
CA ALA B 211 -13.52 8.85 5.94
C ALA B 211 -12.02 8.78 5.60
N ASP B 212 -11.28 7.90 6.26
CA ASP B 212 -9.83 7.81 6.06
C ASP B 212 -9.43 6.57 5.28
N ASN B 213 -10.41 5.95 4.64
CA ASN B 213 -10.17 4.80 3.77
C ASN B 213 -9.80 5.30 2.39
N ASP B 214 -8.53 5.15 2.03
CA ASP B 214 -8.01 5.71 0.79
C ASP B 214 -8.52 5.00 -0.46
N ALA B 215 -9.18 3.86 -0.29
CA ALA B 215 -9.84 3.16 -1.40
C ALA B 215 -11.25 3.71 -1.70
N VAL B 216 -11.89 4.38 -0.74
CA VAL B 216 -13.25 4.92 -0.90
C VAL B 216 -13.23 6.33 -1.50
N VAL B 217 -13.88 6.50 -2.64
CA VAL B 217 -13.89 7.79 -3.31
C VAL B 217 -15.28 8.44 -3.38
N ALA B 218 -16.33 7.64 -3.15
CA ALA B 218 -17.69 8.16 -3.32
C ALA B 218 -18.72 7.46 -2.44
N TYR B 219 -19.72 8.23 -2.05
CA TYR B 219 -20.92 7.73 -1.38
C TYR B 219 -22.12 8.02 -2.28
N ASP B 220 -22.81 6.96 -2.70
CA ASP B 220 -24.01 7.07 -3.51
C ASP B 220 -25.22 6.99 -2.55
N LEU B 221 -25.82 8.15 -2.31
CA LEU B 221 -26.70 8.37 -1.15
C LEU B 221 -27.98 7.52 -1.16
N MET B 222 -28.55 7.30 -2.33
CA MET B 222 -29.74 6.46 -2.43
C MET B 222 -29.89 5.84 -3.79
N ASN B 223 -29.96 4.53 -3.83
CA ASN B 223 -30.24 3.83 -5.07
C ASN B 223 -31.65 4.10 -5.55
N GLU B 224 -31.76 4.50 -6.83
CA GLU B 224 -33.05 4.60 -7.53
C GLU B 224 -34.18 5.19 -6.65
N PRO B 225 -34.04 6.47 -6.26
CA PRO B 225 -35.06 7.17 -5.50
C PRO B 225 -36.44 7.06 -6.14
N PHE B 226 -37.44 6.75 -5.31
CA PHE B 226 -38.84 6.63 -5.71
C PHE B 226 -39.68 7.44 -4.73
N GLY B 227 -40.52 8.33 -5.26
CA GLY B 227 -41.25 9.30 -4.45
C GLY B 227 -42.64 8.90 -4.01
N GLY B 228 -43.06 7.67 -4.30
CA GLY B 228 -44.42 7.22 -3.95
C GLY B 228 -45.48 8.02 -4.68
N SER B 229 -46.35 8.68 -3.90
CA SER B 229 -47.41 9.54 -4.45
C SER B 229 -46.88 10.86 -5.04
N LEU B 230 -45.61 11.18 -4.77
CA LEU B 230 -44.94 12.33 -5.39
C LEU B 230 -44.03 11.86 -6.52
N GLN B 231 -44.19 12.46 -7.71
CA GLN B 231 -43.36 12.10 -8.88
C GLN B 231 -42.92 13.32 -9.68
N GLY B 232 -41.79 13.17 -10.36
CA GLY B 232 -41.23 14.23 -11.20
C GLY B 232 -40.54 15.32 -10.39
N PRO B 233 -40.44 16.53 -10.95
CA PRO B 233 -39.87 17.68 -10.23
C PRO B 233 -40.48 17.99 -8.86
N ALA B 234 -41.77 17.70 -8.66
CA ALA B 234 -42.39 17.86 -7.34
C ALA B 234 -41.63 17.07 -6.27
N PHE B 235 -41.23 15.85 -6.63
CA PHE B 235 -40.50 14.96 -5.75
C PHE B 235 -39.01 15.32 -5.71
N GLU B 236 -38.38 15.41 -6.87
CA GLU B 236 -36.93 15.52 -6.96
C GLU B 236 -36.38 16.83 -6.38
N ALA B 237 -37.06 17.92 -6.69
CA ALA B 237 -36.67 19.25 -6.20
C ALA B 237 -37.25 19.52 -4.81
N GLY B 238 -38.14 18.63 -4.35
CA GLY B 238 -38.75 18.72 -3.02
C GLY B 238 -38.03 17.85 -2.00
N PRO B 239 -38.71 16.79 -1.52
CA PRO B 239 -38.11 15.96 -0.46
C PRO B 239 -36.85 15.19 -0.87
N LEU B 240 -36.68 14.88 -2.17
CA LEU B 240 -35.45 14.19 -2.58
C LEU B 240 -34.24 15.08 -2.34
N ALA B 241 -34.25 16.27 -2.94
CA ALA B 241 -33.16 17.24 -2.78
C ALA B 241 -32.91 17.58 -1.31
N ALA B 242 -33.99 17.70 -0.53
CA ALA B 242 -33.88 18.03 0.90
C ALA B 242 -33.17 16.93 1.70
N MET B 243 -33.46 15.67 1.38
CA MET B 243 -32.81 14.53 2.03
C MET B 243 -31.31 14.51 1.69
N TYR B 244 -30.99 14.75 0.42
CA TYR B 244 -29.61 14.81 -0.04
C TYR B 244 -28.84 15.90 0.69
N GLN B 245 -29.46 17.07 0.83
CA GLN B 245 -28.85 18.20 1.53
C GLN B 245 -28.57 17.89 3.02
N ARG B 246 -29.55 17.31 3.70
CA ARG B 246 -29.38 16.89 5.10
C ARG B 246 -28.36 15.76 5.26
N THR B 247 -28.34 14.82 4.31
CA THR B 247 -27.39 13.70 4.36
C THR B 247 -25.96 14.13 4.01
N THR B 248 -25.83 15.06 3.06
CA THR B 248 -24.52 15.64 2.74
C THR B 248 -23.98 16.36 3.97
N ASP B 249 -24.80 17.26 4.52
CA ASP B 249 -24.43 18.03 5.72
C ASP B 249 -23.97 17.15 6.87
N ALA B 250 -24.67 16.04 7.11
CA ALA B 250 -24.28 15.07 8.14
C ALA B 250 -22.97 14.35 7.81
N ILE B 251 -22.82 13.93 6.56
CA ILE B 251 -21.58 13.28 6.11
C ILE B 251 -20.37 14.18 6.32
N ARG B 252 -20.54 15.46 5.98
CA ARG B 252 -19.48 16.46 6.06
C ARG B 252 -19.07 16.85 7.49
N GLN B 253 -19.79 16.32 8.48
CA GLN B 253 -19.38 16.46 9.89
C GLN B 253 -18.24 15.50 10.24
N VAL B 254 -18.15 14.41 9.48
CA VAL B 254 -17.13 13.39 9.70
C VAL B 254 -16.21 13.12 8.48
N ASP B 255 -16.55 13.63 7.29
CA ASP B 255 -15.82 13.32 6.06
C ASP B 255 -15.84 14.51 5.12
N GLN B 256 -14.68 15.14 4.97
CA GLN B 256 -14.57 16.35 4.18
C GLN B 256 -14.35 16.09 2.69
N ASP B 257 -13.81 14.93 2.34
CA ASP B 257 -13.18 14.72 1.03
C ASP B 257 -13.85 13.69 0.10
N THR B 258 -14.62 12.74 0.65
CA THR B 258 -15.28 11.74 -0.19
C THR B 258 -16.33 12.42 -1.05
N TRP B 259 -16.42 12.02 -2.33
CA TRP B 259 -17.45 12.58 -3.22
C TRP B 259 -18.84 12.14 -2.76
N VAL B 260 -19.75 13.09 -2.67
CA VAL B 260 -21.14 12.76 -2.39
C VAL B 260 -21.89 12.70 -3.72
N CYS B 261 -22.43 11.52 -4.00
CA CYS B 261 -23.05 11.27 -5.29
C CYS B 261 -24.55 11.20 -5.15
N VAL B 262 -25.24 11.94 -6.02
CA VAL B 262 -26.70 12.03 -5.97
C VAL B 262 -27.32 11.51 -7.27
N ALA B 263 -28.48 10.88 -7.13
CA ALA B 263 -29.21 10.29 -8.24
C ALA B 263 -30.53 11.02 -8.44
N PRO B 264 -31.04 11.02 -9.69
CA PRO B 264 -32.39 11.50 -9.95
C PRO B 264 -33.36 10.39 -9.56
N GLN B 265 -34.67 10.64 -9.59
CA GLN B 265 -35.60 9.55 -9.44
C GLN B 265 -35.35 8.58 -10.60
N ALA B 266 -35.49 7.28 -10.34
CA ALA B 266 -35.19 6.27 -11.36
C ALA B 266 -36.29 6.16 -12.43
N ILE B 267 -37.55 6.02 -12.00
CA ILE B 267 -38.62 5.77 -12.96
C ILE B 267 -38.75 7.01 -13.85
N GLY B 268 -38.88 6.79 -15.15
CA GLY B 268 -38.87 7.88 -16.13
C GLY B 268 -37.46 8.24 -16.57
N VAL B 269 -36.64 8.70 -15.62
CA VAL B 269 -35.31 9.20 -15.94
C VAL B 269 -34.37 8.07 -16.42
N ASN B 270 -34.50 6.89 -15.83
CA ASN B 270 -33.81 5.67 -16.34
C ASN B 270 -34.04 5.41 -17.82
N GLN B 271 -35.22 5.82 -18.30
CA GLN B 271 -35.67 5.54 -19.66
C GLN B 271 -35.43 6.70 -20.61
N GLY B 272 -34.81 7.77 -20.12
CA GLY B 272 -34.42 8.90 -20.96
C GLY B 272 -35.18 10.20 -20.76
N LEU B 273 -36.06 10.25 -19.76
CA LEU B 273 -36.77 11.48 -19.40
C LEU B 273 -35.85 12.42 -18.59
N PRO B 274 -36.12 13.74 -18.66
CA PRO B 274 -35.37 14.71 -17.85
C PRO B 274 -35.61 14.60 -16.35
N SER B 275 -34.61 15.02 -15.57
CA SER B 275 -34.73 15.09 -14.12
C SER B 275 -34.97 16.53 -13.67
N GLY B 276 -35.78 16.69 -12.64
CA GLY B 276 -35.95 17.98 -11.97
C GLY B 276 -35.06 18.17 -10.76
N LEU B 277 -34.07 17.30 -10.55
CA LEU B 277 -33.14 17.46 -9.42
C LEU B 277 -32.45 18.82 -9.47
N THR B 278 -32.31 19.41 -8.29
CA THR B 278 -31.74 20.74 -8.14
C THR B 278 -30.41 20.67 -7.40
N LYS B 279 -29.69 21.79 -7.39
CA LYS B 279 -28.35 21.85 -6.82
C LYS B 279 -28.29 21.53 -5.33
N ILE B 280 -27.33 20.68 -4.97
CA ILE B 280 -27.01 20.34 -3.59
C ILE B 280 -25.78 21.14 -3.19
N ASP B 281 -25.86 21.81 -2.04
CA ASP B 281 -24.74 22.59 -1.51
C ASP B 281 -23.79 21.68 -0.74
N ASP B 282 -22.50 21.82 -1.03
CA ASP B 282 -21.45 21.10 -0.34
C ASP B 282 -20.78 22.09 0.63
N PRO B 283 -20.91 21.85 1.95
CA PRO B 283 -20.34 22.76 2.95
C PRO B 283 -18.81 22.66 3.11
N ARG B 284 -18.17 21.69 2.47
CA ARG B 284 -16.71 21.52 2.59
C ARG B 284 -16.02 22.83 2.18
N ALA B 285 -14.84 23.06 2.75
CA ALA B 285 -14.00 24.18 2.33
C ALA B 285 -13.51 23.97 0.88
N GLY B 286 -13.52 25.03 0.08
CA GLY B 286 -13.05 24.97 -1.29
C GLY B 286 -14.10 24.51 -2.29
N GLN B 287 -13.66 23.80 -3.32
CA GLN B 287 -14.53 23.38 -4.41
C GLN B 287 -15.48 22.28 -3.96
N GLN B 288 -16.70 22.27 -4.50
CA GLN B 288 -17.67 21.22 -4.17
C GLN B 288 -17.19 19.87 -4.68
N ARG B 289 -17.52 18.83 -3.93
CA ARG B 289 -17.32 17.44 -4.34
C ARG B 289 -18.64 16.69 -4.34
N ILE B 290 -19.56 17.15 -5.20
CA ILE B 290 -20.81 16.46 -5.49
C ILE B 290 -20.67 15.86 -6.90
N ALA B 291 -21.15 14.62 -7.08
CA ALA B 291 -21.19 13.98 -8.40
C ALA B 291 -22.60 13.46 -8.68
N TYR B 292 -22.87 13.15 -9.95
CA TYR B 292 -24.19 12.74 -10.42
C TYR B 292 -24.12 11.29 -10.86
N CYS B 293 -25.01 10.46 -10.32
CA CYS B 293 -24.94 9.01 -10.54
CA CYS B 293 -24.94 9.01 -10.54
C CYS B 293 -26.26 8.43 -11.04
N PRO B 294 -26.69 8.84 -12.24
CA PRO B 294 -27.90 8.26 -12.85
C PRO B 294 -27.67 6.84 -13.39
N HIS B 295 -28.77 6.15 -13.70
CA HIS B 295 -28.76 4.84 -14.34
C HIS B 295 -29.35 4.93 -15.75
N LEU B 296 -29.15 3.89 -16.54
CA LEU B 296 -29.59 3.84 -17.94
C LEU B 296 -30.21 2.48 -18.23
N TYR B 297 -31.52 2.49 -18.44
CA TYR B 297 -32.28 1.28 -18.75
C TYR B 297 -33.36 1.57 -19.80
N PRO B 298 -32.99 1.50 -21.10
CA PRO B 298 -33.93 1.74 -22.21
C PRO B 298 -35.13 0.80 -22.19
N LEU B 299 -36.32 1.36 -22.44
CA LEU B 299 -37.58 0.58 -22.41
C LEU B 299 -37.58 -0.65 -23.30
N PRO B 300 -37.08 -0.54 -24.56
CA PRO B 300 -37.13 -1.69 -25.46
C PRO B 300 -36.38 -2.92 -24.93
N LEU B 301 -35.32 -2.69 -24.15
CA LEU B 301 -34.56 -3.79 -23.55
C LEU B 301 -35.30 -4.50 -22.40
N ASP B 302 -36.30 -3.86 -21.80
CA ASP B 302 -37.09 -4.49 -20.73
C ASP B 302 -38.03 -5.55 -21.28
N HIS B 307 -32.05 -6.11 -29.41
CA HIS B 307 -31.48 -4.82 -29.82
C HIS B 307 -31.29 -4.79 -31.34
N GLU B 308 -32.41 -4.97 -32.05
CA GLU B 308 -32.45 -4.93 -33.52
C GLU B 308 -33.74 -4.23 -33.99
N GLY B 309 -33.79 -3.86 -35.26
CA GLY B 309 -34.97 -3.22 -35.85
C GLY B 309 -35.38 -1.91 -35.18
N LEU B 310 -36.68 -1.65 -35.15
CA LEU B 310 -37.22 -0.45 -34.50
C LEU B 310 -36.79 -0.39 -33.03
N ALA B 311 -36.75 -1.55 -32.37
CA ALA B 311 -36.24 -1.66 -31.00
C ALA B 311 -34.85 -1.03 -30.88
N ARG B 312 -33.96 -1.33 -31.84
CA ARG B 312 -32.62 -0.74 -31.86
C ARG B 312 -32.65 0.77 -32.04
N THR B 313 -33.47 1.27 -32.98
CA THR B 313 -33.63 2.72 -33.16
C THR B 313 -34.09 3.39 -31.88
N LEU B 314 -35.12 2.80 -31.26
CA LEU B 314 -35.69 3.29 -30.01
C LEU B 314 -34.65 3.34 -28.88
N THR B 315 -33.85 2.29 -28.76
CA THR B 315 -32.76 2.28 -27.79
C THR B 315 -31.68 3.33 -28.10
N ASP B 316 -31.29 3.45 -29.36
CA ASP B 316 -30.29 4.45 -29.76
C ASP B 316 -30.71 5.89 -29.45
N VAL B 317 -31.98 6.22 -29.72
CA VAL B 317 -32.47 7.57 -29.41
C VAL B 317 -32.63 7.78 -27.89
N THR B 318 -32.93 6.69 -27.16
CA THR B 318 -32.94 6.74 -25.67
C THR B 318 -31.57 7.20 -25.13
N ILE B 319 -30.51 6.59 -25.64
CA ILE B 319 -29.15 6.94 -25.24
C ILE B 319 -28.85 8.43 -25.53
N ASP B 320 -29.27 8.91 -26.70
CA ASP B 320 -29.09 10.31 -27.06
C ASP B 320 -29.83 11.22 -26.08
N ALA B 321 -31.08 10.89 -25.78
CA ALA B 321 -31.88 11.70 -24.86
C ALA B 321 -31.28 11.63 -23.45
N TRP B 322 -30.92 10.43 -23.01
CA TRP B 322 -30.31 10.21 -21.71
C TRP B 322 -29.03 11.05 -21.53
N ARG B 323 -28.21 11.10 -22.58
CA ARG B 323 -26.96 11.87 -22.53
C ARG B 323 -27.20 13.38 -22.40
N ALA B 324 -28.10 13.92 -23.23
CA ALA B 324 -28.45 15.33 -23.17
C ALA B 324 -28.99 15.71 -21.78
N ASN B 325 -29.86 14.87 -21.22
CA ASN B 325 -30.47 15.14 -19.93
C ASN B 325 -29.47 14.99 -18.77
N THR B 326 -28.65 13.98 -18.85
CA THR B 326 -27.60 13.74 -17.85
C THR B 326 -26.61 14.92 -17.82
N ALA B 327 -26.17 15.35 -19.00
CA ALA B 327 -25.35 16.56 -19.16
C ALA B 327 -25.98 17.79 -18.53
N HIS B 328 -27.27 18.01 -18.79
CA HIS B 328 -28.01 19.15 -18.24
C HIS B 328 -27.99 19.16 -16.71
N THR B 329 -28.38 18.04 -16.12
CA THR B 329 -28.49 17.97 -14.66
C THR B 329 -27.12 18.03 -13.97
N ALA B 330 -26.08 17.49 -14.62
CA ALA B 330 -24.71 17.65 -14.13
C ALA B 330 -24.25 19.13 -14.14
N ARG B 331 -24.69 19.88 -15.15
CA ARG B 331 -24.48 21.32 -15.18
C ARG B 331 -25.24 22.02 -14.06
N VAL B 332 -26.50 21.64 -13.85
CA VAL B 332 -27.33 22.22 -12.80
C VAL B 332 -26.71 22.03 -11.41
N LEU B 333 -26.18 20.84 -11.17
CA LEU B 333 -25.54 20.49 -9.90
C LEU B 333 -24.19 21.21 -9.68
N GLY B 334 -23.65 21.84 -10.72
CA GLY B 334 -22.40 22.59 -10.64
C GLY B 334 -21.29 22.13 -11.56
N ASP B 335 -21.66 21.72 -12.77
CA ASP B 335 -20.75 21.13 -13.75
C ASP B 335 -19.98 19.97 -13.10
N VAL B 336 -20.74 19.04 -12.54
CA VAL B 336 -20.18 17.98 -11.71
C VAL B 336 -19.75 16.76 -12.54
N PRO B 337 -18.91 15.87 -11.96
CA PRO B 337 -18.61 14.60 -12.59
C PRO B 337 -19.82 13.66 -12.66
N ILE B 338 -19.77 12.76 -13.63
CA ILE B 338 -20.87 11.83 -13.88
C ILE B 338 -20.34 10.42 -13.68
N ILE B 339 -21.10 9.61 -12.96
CA ILE B 339 -20.89 8.17 -12.93
C ILE B 339 -22.16 7.49 -13.40
N LEU B 340 -22.08 6.71 -14.47
CA LEU B 340 -23.16 5.80 -14.85
C LEU B 340 -23.24 4.63 -13.85
N GLY B 341 -24.09 4.80 -12.84
CA GLY B 341 -24.14 3.88 -11.71
C GLY B 341 -24.64 2.48 -12.02
N GLU B 342 -25.52 2.36 -13.00
CA GLU B 342 -26.01 1.05 -13.47
C GLU B 342 -26.41 1.13 -14.94
N PHE B 343 -26.06 0.07 -15.66
CA PHE B 343 -26.71 -0.30 -16.91
C PHE B 343 -26.37 -1.78 -17.09
N GLY B 344 -27.21 -2.50 -17.83
CA GLY B 344 -26.97 -3.91 -18.04
C GLY B 344 -28.07 -4.55 -18.84
N LEU B 345 -27.78 -5.74 -19.36
CA LEU B 345 -28.78 -6.52 -20.07
C LEU B 345 -28.31 -7.94 -20.16
N ASP B 346 -29.23 -8.83 -20.54
CA ASP B 346 -28.90 -10.21 -20.83
C ASP B 346 -27.99 -10.21 -22.04
N THR B 347 -26.72 -10.63 -21.83
CA THR B 347 -25.69 -10.54 -22.86
C THR B 347 -25.90 -11.51 -24.03
N THR B 348 -26.85 -12.43 -23.87
CA THR B 348 -27.17 -13.43 -24.91
C THR B 348 -28.19 -12.94 -25.95
N LEU B 349 -28.79 -11.77 -25.71
CA LEU B 349 -29.75 -11.20 -26.67
C LEU B 349 -29.08 -10.72 -27.96
N PRO B 350 -29.83 -10.75 -29.09
CA PRO B 350 -29.32 -10.20 -30.34
C PRO B 350 -28.93 -8.72 -30.18
N GLY B 351 -27.77 -8.34 -30.69
CA GLY B 351 -27.32 -6.95 -30.61
C GLY B 351 -26.77 -6.49 -29.26
N ALA B 352 -26.66 -7.39 -28.29
CA ALA B 352 -26.24 -7.01 -26.93
C ALA B 352 -24.82 -6.39 -26.86
N ARG B 353 -23.88 -6.96 -27.61
CA ARG B 353 -22.50 -6.41 -27.66
C ARG B 353 -22.47 -5.00 -28.25
N ASP B 354 -23.25 -4.81 -29.31
CA ASP B 354 -23.36 -3.49 -29.93
C ASP B 354 -23.92 -2.47 -28.93
N TYR B 355 -24.92 -2.87 -28.15
CA TYR B 355 -25.49 -1.99 -27.15
C TYR B 355 -24.46 -1.64 -26.08
N ILE B 356 -23.80 -2.65 -25.53
CA ILE B 356 -22.81 -2.44 -24.48
C ILE B 356 -21.67 -1.53 -24.99
N GLU B 357 -21.18 -1.80 -26.19
CA GLU B 357 -20.13 -0.97 -26.79
C GLU B 357 -20.56 0.48 -27.01
N ARG B 358 -21.80 0.68 -27.49
CA ARG B 358 -22.36 2.03 -27.67
C ARG B 358 -22.44 2.77 -26.33
N VAL B 359 -22.93 2.09 -25.29
CA VAL B 359 -22.98 2.69 -23.95
C VAL B 359 -21.59 3.07 -23.42
N TYR B 360 -20.62 2.16 -23.54
CA TYR B 360 -19.26 2.46 -23.08
C TYR B 360 -18.64 3.60 -23.88
N GLY B 361 -18.92 3.66 -25.19
CA GLY B 361 -18.47 4.79 -26.01
C GLY B 361 -19.06 6.13 -25.57
N THR B 362 -20.35 6.12 -25.26
CA THR B 362 -21.01 7.30 -24.75
C THR B 362 -20.41 7.75 -23.41
N ALA B 363 -20.23 6.82 -22.48
CA ALA B 363 -19.61 7.11 -21.19
C ALA B 363 -18.25 7.78 -21.37
N ARG B 364 -17.44 7.20 -22.25
CA ARG B 364 -16.11 7.73 -22.58
C ARG B 364 -16.18 9.18 -23.07
N GLU B 365 -17.13 9.49 -23.96
CA GLU B 365 -17.25 10.85 -24.49
C GLU B 365 -17.72 11.85 -23.42
N MET B 366 -18.57 11.37 -22.51
CA MET B 366 -19.08 12.18 -21.39
C MET B 366 -18.11 12.28 -20.19
N GLY B 367 -16.99 11.56 -20.24
CA GLY B 367 -16.07 11.50 -19.13
C GLY B 367 -16.68 10.85 -17.91
N ALA B 368 -17.56 9.87 -18.16
CA ALA B 368 -18.33 9.23 -17.12
C ALA B 368 -17.67 7.96 -16.62
N GLY B 369 -17.78 7.71 -15.32
CA GLY B 369 -17.45 6.42 -14.74
C GLY B 369 -18.58 5.44 -15.07
N VAL B 370 -18.28 4.15 -15.00
CA VAL B 370 -19.30 3.12 -15.21
C VAL B 370 -19.19 1.99 -14.20
N SER B 371 -20.31 1.69 -13.53
CA SER B 371 -20.43 0.40 -12.86
C SER B 371 -21.56 -0.40 -13.51
N TYR B 372 -21.17 -1.49 -14.19
CA TYR B 372 -22.10 -2.38 -14.89
C TYR B 372 -23.00 -3.14 -13.89
N TRP B 373 -24.29 -3.24 -14.18
CA TRP B 373 -25.20 -4.08 -13.40
C TRP B 373 -25.32 -5.48 -14.02
N SER B 374 -24.69 -6.51 -13.45
CA SER B 374 -23.90 -6.48 -12.23
C SER B 374 -22.90 -7.64 -12.29
N SER B 375 -22.16 -7.84 -11.21
CA SER B 375 -21.15 -8.91 -11.17
C SER B 375 -21.76 -10.28 -10.92
N ASP B 376 -23.02 -10.30 -10.52
CA ASP B 376 -23.69 -11.56 -10.11
C ASP B 376 -23.68 -12.62 -11.19
N PRO B 377 -23.57 -13.90 -10.77
CA PRO B 377 -23.64 -14.99 -11.75
C PRO B 377 -24.93 -15.00 -12.59
N GLY B 378 -24.77 -15.23 -13.89
CA GLY B 378 -25.89 -15.27 -14.83
C GLY B 378 -25.54 -14.61 -16.15
N PRO B 379 -26.46 -14.65 -17.13
CA PRO B 379 -26.22 -14.12 -18.48
C PRO B 379 -26.09 -12.59 -18.59
N TRP B 380 -26.52 -11.85 -17.57
CA TRP B 380 -26.31 -10.39 -17.49
C TRP B 380 -24.84 -10.07 -17.15
N GLY B 381 -24.23 -10.93 -16.34
CA GLY B 381 -22.92 -10.68 -15.75
C GLY B 381 -21.75 -11.20 -16.56
N PRO B 382 -20.54 -11.08 -15.99
CA PRO B 382 -19.33 -11.54 -16.66
C PRO B 382 -19.17 -13.08 -16.71
N TYR B 383 -19.76 -13.79 -15.75
CA TYR B 383 -19.65 -15.24 -15.64
C TYR B 383 -21.00 -15.91 -15.38
N LEU B 384 -21.21 -17.07 -16.00
CA LEU B 384 -22.37 -17.93 -15.70
C LEU B 384 -22.11 -18.63 -14.36
N PRO B 385 -23.17 -19.14 -13.69
CA PRO B 385 -23.03 -19.81 -12.38
C PRO B 385 -21.94 -20.88 -12.29
N ASP B 386 -21.67 -21.57 -13.39
CA ASP B 386 -20.65 -22.61 -13.42
C ASP B 386 -19.24 -22.06 -13.64
N GLY B 387 -19.13 -20.72 -13.75
CA GLY B 387 -17.84 -20.06 -13.95
C GLY B 387 -17.52 -19.71 -15.40
N THR B 388 -18.30 -20.24 -16.35
CA THR B 388 -18.13 -19.95 -17.78
C THR B 388 -18.24 -18.44 -18.04
N GLN B 389 -17.37 -17.91 -18.89
CA GLN B 389 -17.37 -16.48 -19.22
C GLN B 389 -18.49 -16.15 -20.19
N THR B 390 -19.21 -15.05 -19.93
CA THR B 390 -20.14 -14.52 -20.91
C THR B 390 -19.37 -13.67 -21.91
N LEU B 391 -20.10 -13.21 -22.93
CA LEU B 391 -19.62 -12.26 -23.95
C LEU B 391 -19.10 -10.93 -23.35
N LEU B 392 -19.53 -10.65 -22.13
CA LEU B 392 -19.18 -9.42 -21.42
C LEU B 392 -17.67 -9.26 -21.18
N VAL B 393 -16.98 -10.36 -20.89
CA VAL B 393 -15.57 -10.30 -20.52
C VAL B 393 -14.68 -9.71 -21.61
N ASP B 394 -14.79 -10.23 -22.83
CA ASP B 394 -13.99 -9.75 -23.95
C ASP B 394 -14.41 -8.37 -24.38
N THR B 395 -15.69 -8.05 -24.22
CA THR B 395 -16.21 -6.71 -24.49
C THR B 395 -15.60 -5.68 -23.55
N LEU B 396 -15.51 -6.00 -22.26
CA LEU B 396 -15.00 -5.05 -21.25
C LEU B 396 -13.49 -5.02 -21.13
N ASN B 397 -12.82 -6.09 -21.57
CA ASN B 397 -11.38 -6.19 -21.36
C ASN B 397 -10.60 -5.47 -22.44
N LYS B 398 -10.58 -4.15 -22.33
CA LYS B 398 -9.90 -3.28 -23.29
C LYS B 398 -8.98 -2.34 -22.53
N PRO B 399 -7.96 -1.78 -23.21
CA PRO B 399 -7.09 -0.82 -22.53
C PRO B 399 -7.85 0.46 -22.18
N TYR B 400 -7.55 1.03 -21.01
CA TYR B 400 -8.08 2.34 -20.64
C TYR B 400 -7.12 3.07 -19.70
N PRO B 401 -7.19 4.42 -19.71
CA PRO B 401 -6.49 5.22 -18.72
C PRO B 401 -7.22 5.16 -17.36
N ARG B 402 -6.51 4.81 -16.30
CA ARG B 402 -7.11 4.66 -14.96
C ARG B 402 -7.09 5.98 -14.19
N ALA B 403 -5.93 6.62 -14.22
CA ALA B 403 -5.73 7.87 -13.50
C ALA B 403 -4.79 8.72 -14.33
N VAL B 404 -5.30 9.85 -14.79
CA VAL B 404 -4.57 10.72 -15.73
C VAL B 404 -4.00 11.95 -15.02
N ALA B 405 -2.71 12.22 -15.26
CA ALA B 405 -2.05 13.44 -14.81
C ALA B 405 -2.45 14.63 -15.69
N GLY B 406 -3.69 15.08 -15.50
CA GLY B 406 -4.32 16.08 -16.34
C GLY B 406 -5.75 15.67 -16.68
N THR B 407 -6.46 16.55 -17.38
CA THR B 407 -7.82 16.29 -17.83
C THR B 407 -7.76 15.59 -19.17
N PRO B 408 -8.31 14.36 -19.26
CA PRO B 408 -8.41 13.78 -20.60
C PRO B 408 -9.44 14.55 -21.44
N THR B 409 -9.04 14.94 -22.65
CA THR B 409 -9.96 15.63 -23.57
C THR B 409 -10.67 14.62 -24.45
N GLU B 410 -9.94 13.56 -24.78
CA GLU B 410 -10.48 12.43 -25.49
C GLU B 410 -9.53 11.25 -25.40
N TRP B 411 -10.08 10.07 -25.62
CA TRP B 411 -9.26 8.89 -25.77
C TRP B 411 -10.05 7.85 -26.53
N SER B 412 -9.33 6.82 -26.95
CA SER B 412 -9.93 5.72 -27.70
C SER B 412 -9.12 4.49 -27.39
N SER B 413 -9.74 3.31 -27.49
CA SER B 413 -8.97 2.07 -27.41
C SER B 413 -9.55 0.92 -28.21
N THR B 414 -8.65 0.08 -28.71
CA THR B 414 -8.98 -1.18 -29.35
C THR B 414 -8.23 -2.23 -28.53
N SER B 415 -8.33 -3.50 -28.89
CA SER B 415 -7.68 -4.54 -28.09
C SER B 415 -6.15 -4.37 -28.04
N ASP B 416 -5.57 -3.77 -29.08
CA ASP B 416 -4.11 -3.59 -29.15
C ASP B 416 -3.66 -2.14 -29.41
N ARG B 417 -4.45 -1.17 -28.98
CA ARG B 417 -4.08 0.24 -29.13
C ARG B 417 -4.82 1.13 -28.14
N LEU B 418 -4.09 2.05 -27.52
CA LEU B 418 -4.69 3.07 -26.68
C LEU B 418 -4.09 4.42 -27.04
N GLN B 419 -4.96 5.40 -27.28
CA GLN B 419 -4.57 6.77 -27.51
C GLN B 419 -5.36 7.69 -26.57
N LEU B 420 -4.67 8.67 -25.99
CA LEU B 420 -5.23 9.58 -25.00
C LEU B 420 -4.64 10.98 -25.21
N THR B 421 -5.52 11.99 -25.18
CA THR B 421 -5.08 13.37 -25.21
C THR B 421 -5.36 14.02 -23.86
N ILE B 422 -4.36 14.75 -23.36
CA ILE B 422 -4.33 15.24 -21.98
C ILE B 422 -4.17 16.76 -21.98
N GLU B 423 -5.06 17.45 -21.27
CA GLU B 423 -4.87 18.86 -20.91
C GLU B 423 -3.86 18.93 -19.77
N PRO B 424 -2.66 19.50 -20.02
CA PRO B 424 -1.61 19.38 -19.01
C PRO B 424 -1.90 20.16 -17.72
N ASP B 425 -1.36 19.64 -16.61
CA ASP B 425 -1.43 20.28 -15.31
C ASP B 425 -0.07 20.11 -14.62
N ALA B 426 0.74 21.17 -14.68
CA ALA B 426 2.11 21.17 -14.15
C ALA B 426 2.22 20.82 -12.67
N ALA B 427 1.16 21.07 -11.91
CA ALA B 427 1.17 20.79 -10.48
C ALA B 427 1.20 19.30 -10.15
N ILE B 428 0.77 18.45 -11.08
CA ILE B 428 0.69 17.01 -10.85
C ILE B 428 2.01 16.31 -11.15
N THR B 429 2.54 15.59 -10.15
CA THR B 429 3.80 14.87 -10.31
C THR B 429 3.61 13.36 -10.44
N ALA B 430 2.50 12.80 -9.93
CA ALA B 430 2.22 11.38 -10.13
C ALA B 430 2.04 11.07 -11.62
N PRO B 431 2.45 9.86 -12.06
CA PRO B 431 2.35 9.55 -13.50
C PRO B 431 0.94 9.19 -13.92
N THR B 432 0.64 9.33 -15.21
CA THR B 432 -0.56 8.75 -15.78
C THR B 432 -0.46 7.24 -15.72
N GLU B 433 -1.55 6.61 -15.31
CA GLU B 433 -1.60 5.18 -15.06
C GLU B 433 -2.65 4.53 -15.97
N ILE B 434 -2.22 3.49 -16.68
CA ILE B 434 -2.97 2.86 -17.77
C ILE B 434 -3.01 1.32 -17.65
N TYR B 435 -4.21 0.77 -17.81
CA TYR B 435 -4.40 -0.68 -17.94
C TYR B 435 -4.20 -1.16 -19.37
N LEU B 436 -3.41 -2.22 -19.54
CA LEU B 436 -3.20 -2.84 -20.84
C LEU B 436 -3.43 -4.34 -20.71
N PRO B 437 -4.45 -4.87 -21.42
CA PRO B 437 -4.71 -6.32 -21.34
C PRO B 437 -3.60 -7.14 -22.01
N GLU B 438 -3.27 -8.30 -21.44
CA GLU B 438 -2.25 -9.17 -22.01
C GLU B 438 -2.59 -9.68 -23.39
N ALA B 439 -3.88 -9.92 -23.63
CA ALA B 439 -4.35 -10.36 -24.94
C ALA B 439 -3.71 -9.57 -26.08
N GLY B 440 -3.83 -8.25 -26.01
CA GLY B 440 -3.31 -7.35 -27.05
C GLY B 440 -1.90 -6.83 -26.82
N PHE B 441 -1.42 -6.91 -25.59
CA PHE B 441 -0.05 -6.44 -25.25
C PHE B 441 0.70 -7.58 -24.56
N PRO B 442 1.03 -8.64 -25.31
CA PRO B 442 1.66 -9.85 -24.76
C PRO B 442 3.10 -9.70 -24.28
N GLY B 443 3.78 -8.61 -24.64
CA GLY B 443 5.16 -8.39 -24.18
C GLY B 443 5.43 -6.96 -23.75
N ASP B 444 6.28 -6.29 -24.53
CA ASP B 444 6.71 -4.92 -24.24
C ASP B 444 5.79 -3.91 -24.89
N VAL B 445 5.85 -2.68 -24.41
CA VAL B 445 5.00 -1.59 -24.90
C VAL B 445 5.84 -0.63 -25.73
N HIS B 446 5.16 0.06 -26.64
CA HIS B 446 5.75 1.16 -27.36
C HIS B 446 4.90 2.40 -27.09
N VAL B 447 5.54 3.48 -26.63
CA VAL B 447 4.78 4.67 -26.23
C VAL B 447 5.32 5.90 -26.96
N GLU B 448 4.42 6.63 -27.64
CA GLU B 448 4.74 7.92 -28.22
C GLU B 448 4.01 9.03 -27.47
N GLY B 449 4.69 10.14 -27.26
CA GLY B 449 4.10 11.31 -26.60
C GLY B 449 4.30 11.35 -25.09
N ALA B 450 4.94 10.31 -24.56
CA ALA B 450 5.22 10.22 -23.12
C ALA B 450 6.44 9.32 -22.89
N ASP B 451 7.08 9.52 -21.73
CA ASP B 451 8.16 8.65 -21.29
C ASP B 451 7.61 7.61 -20.33
N VAL B 452 8.01 6.37 -20.55
CA VAL B 452 7.54 5.27 -19.72
C VAL B 452 8.35 5.23 -18.43
N VAL B 453 7.67 5.45 -17.30
CA VAL B 453 8.33 5.40 -16.00
C VAL B 453 8.21 4.01 -15.34
N GLY B 454 7.24 3.22 -15.79
CA GLY B 454 7.07 1.86 -15.30
C GLY B 454 6.12 1.03 -16.13
N TRP B 455 6.43 -0.26 -16.26
CA TRP B 455 5.54 -1.20 -16.97
C TRP B 455 5.54 -2.57 -16.29
N ASP B 456 4.47 -2.81 -15.54
CA ASP B 456 4.32 -3.96 -14.70
C ASP B 456 3.44 -4.95 -15.43
N ARG B 457 4.04 -6.04 -15.88
CA ARG B 457 3.35 -7.05 -16.67
C ARG B 457 2.51 -8.00 -15.81
N GLN B 458 2.60 -7.84 -14.50
CA GLN B 458 1.83 -8.62 -13.55
C GLN B 458 0.53 -7.87 -13.20
N SER B 459 0.66 -6.67 -12.66
CA SER B 459 -0.51 -5.81 -12.42
C SER B 459 -1.16 -5.28 -13.71
N ARG B 460 -0.45 -5.38 -14.84
CA ARG B 460 -0.92 -4.85 -16.14
C ARG B 460 -1.00 -3.32 -16.16
N LEU B 461 -0.23 -2.68 -15.28
CA LEU B 461 -0.24 -1.24 -15.12
C LEU B 461 0.97 -0.59 -15.78
N LEU B 462 0.68 0.25 -16.78
CA LEU B 462 1.65 1.12 -17.43
C LEU B 462 1.59 2.50 -16.80
N THR B 463 2.75 3.03 -16.40
CA THR B 463 2.84 4.39 -15.89
C THR B 463 3.78 5.22 -16.76
N VAL B 464 3.32 6.43 -17.09
CA VAL B 464 4.01 7.33 -18.00
C VAL B 464 3.97 8.77 -17.49
N ARG B 465 4.92 9.58 -18.00
CA ARG B 465 4.95 11.00 -17.74
C ARG B 465 5.03 11.80 -19.04
N THR B 466 4.32 12.92 -19.05
CA THR B 466 4.16 13.75 -20.23
C THR B 466 4.61 15.19 -19.92
N PRO B 467 5.09 15.93 -20.95
CA PRO B 467 5.38 17.35 -20.70
C PRO B 467 4.12 18.15 -20.31
N ALA B 468 4.30 19.15 -19.45
CA ALA B 468 3.18 20.01 -19.00
C ALA B 468 3.28 21.44 -19.56
N ASP B 469 4.33 21.71 -20.32
CA ASP B 469 4.63 23.06 -20.80
C ASP B 469 4.50 23.23 -22.33
N SER B 470 3.88 22.27 -23.01
CA SER B 470 3.81 22.29 -24.47
C SER B 470 2.38 22.07 -25.00
N GLY B 471 1.39 22.46 -24.21
CA GLY B 471 0.00 22.33 -24.62
C GLY B 471 -0.53 20.92 -24.45
N ASN B 472 -1.64 20.63 -25.12
CA ASN B 472 -2.29 19.33 -24.99
C ASN B 472 -1.35 18.27 -25.53
N VAL B 473 -1.22 17.15 -24.81
CA VAL B 473 -0.34 16.06 -25.20
C VAL B 473 -1.14 14.84 -25.64
N THR B 474 -0.78 14.25 -26.78
CA THR B 474 -1.36 12.98 -27.20
C THR B 474 -0.39 11.85 -26.92
N VAL B 475 -0.87 10.82 -26.22
CA VAL B 475 -0.07 9.64 -25.90
C VAL B 475 -0.67 8.45 -26.62
N THR B 476 0.18 7.70 -27.32
CA THR B 476 -0.26 6.54 -28.10
C THR B 476 0.53 5.31 -27.65
N VAL B 477 -0.22 4.29 -27.22
CA VAL B 477 0.36 3.08 -26.70
C VAL B 477 0.03 1.89 -27.61
N THR B 478 1.06 1.20 -28.05
CA THR B 478 0.92 0.09 -28.99
C THR B 478 1.87 -1.02 -28.58
N PRO B 479 1.58 -2.27 -28.99
CA PRO B 479 2.47 -3.38 -28.66
C PRO B 479 3.82 -3.23 -29.34
N ALA B 480 4.87 -3.51 -28.59
CA ALA B 480 6.24 -3.46 -29.13
C ALA B 480 6.42 -4.57 -30.17
N ALA B 481 7.26 -4.32 -31.17
CA ALA B 481 7.58 -5.33 -32.18
C ALA B 481 8.32 -6.50 -31.56
NA NA C . 7.60 -8.61 5.44
O1B MNI D . 32.07 0.78 20.52
C1B MNI D . 31.38 -0.23 20.59
C2B MNI D . 31.55 -1.12 21.78
C3B MNI D . 30.82 -2.29 21.96
C4B MNI D . 31.02 -3.09 23.08
C5B MNI D . 31.98 -2.75 24.03
N5B MNI D . 32.20 -3.52 25.13
C8B MNI D . 33.20 -3.14 26.12
C9B MNI D . 31.43 -4.73 25.35
C6B MNI D . 32.71 -1.58 23.84
C7B MNI D . 32.50 -0.78 22.73
N1B MNI D . 30.44 -0.47 19.65
C1A MNI D . 30.30 0.33 18.43
C2A MNI D . 29.02 1.11 18.21
N5A MNI D . 27.82 0.31 18.40
C5M MNI D . 26.84 1.07 19.14
C6A MNI D . 25.43 0.89 18.61
O6A MNI D . 25.16 -0.51 18.52
C4A MNI D . 27.36 2.50 19.11
O4A MNI D . 26.90 3.30 20.19
C3A MNI D . 28.86 2.28 19.15
O3A MNI D . 29.58 3.45 18.75
NA NA E . -11.32 8.07 0.77
O1B MNI F . -36.09 -1.78 -13.35
C1B MNI F . -35.89 -0.84 -12.60
C2B MNI F . -37.08 -0.13 -11.99
C3B MNI F . -36.96 0.97 -11.14
C4B MNI F . -38.11 1.59 -10.62
C5B MNI F . -39.39 1.12 -10.95
N5B MNI F . -40.53 1.71 -10.46
C8B MNI F . -40.44 2.84 -9.55
C9B MNI F . -41.86 1.21 -10.81
C6B MNI F . -39.49 0.02 -11.82
C7B MNI F . -38.35 -0.59 -12.33
N1B MNI F . -34.63 -0.47 -12.32
C1A MNI F . -33.44 -1.06 -12.92
C2A MNI F . -32.56 -1.98 -12.09
N5A MNI F . -32.16 -1.37 -10.84
C5M MNI F . -32.20 -2.33 -9.75
C6A MNI F . -30.98 -2.19 -8.85
O6A MNI F . -30.82 -0.81 -8.50
C4A MNI F . -32.36 -3.66 -10.47
O4A MNI F . -32.99 -4.66 -9.68
C3A MNI F . -33.17 -3.31 -11.72
O3A MNI F . -33.07 -4.27 -12.78
#